data_3D31
#
_entry.id   3D31
#
_cell.length_a   92.840
_cell.length_b   139.460
_cell.length_c   207.330
_cell.angle_alpha   90.00
_cell.angle_beta   90.00
_cell.angle_gamma   90.00
#
_symmetry.space_group_name_H-M   'P 21 21 21'
#
loop_
_entity.id
_entity.type
_entity.pdbx_description
1 polymer 'Sulfate/molybdate ABC transporter, ATP-binding protein'
2 polymer 'Sulfate/molybdate ABC transporter, permease protein'
3 non-polymer TUNGSTATE(VI)ION
#
loop_
_entity_poly.entity_id
_entity_poly.type
_entity_poly.pdbx_seq_one_letter_code
_entity_poly.pdbx_strand_id
1 'polypeptide(L)'
;MIEIESLSRKWKNFSLDNLSLKVESGEYFVILGPTGAGKTLFLELIAGFHVPDSGRILLDGKDVTDLSPEKHDIAFVYQN
YSLFPHMNVKKNLEFGMRMKKIKDPKRVLDTARDLKIEHLLDRNPLTLSGGEQQRVALARALVTNPKILLLDEPLSALDP
RTQENAREMLSVLHKKNKLTVLHITHDQTEARIMADRIAVVMDGKLIQVGKPEEIFEKPVEGRVASFVGFENVLKGRVIS
AEQGLLRIRVGEVVIDAAGDMEVGDQVYAFLRPENIALSKSSTQSSIRNSLQGRVTEAWVLGALVRVKVDCGVPLNVLIT
RRSAEEMELSPGVQIYARFKASSVHVLR
;
A,B
2 'polypeptide(L)'
;MGHHHHHHHHHHSSGENLYFQGHMKAKNRKTRKFEPLTFVFSFLLLVLFLFIFLTLSNMIFEQITEDFSGLVKAAGNRSV
ISSIFLSLYAGFLATLLALLLGAPTGYILARFDFPGKRLVESIIDVPVVVPHTVAGIALLTVFGSRGLIGEPLESYIQFR
DALPGIVVAMLFVSMPYLANSAREGFKSVDPRLENAARSLGAPLWKAFFFVTLPLSARYLLIGSVMTWARAISEFGAVVI
LAYYPMVGPTLIYDRFISYGLSASRPIAVLLILVTLSIFLVIRTLSAGWSIYDRD
;
C,D
#
loop_
_chem_comp.id
_chem_comp.type
_chem_comp.name
_chem_comp.formula
WO4 non-polymer TUNGSTATE(VI)ION 'O4 W -2'
#
# COMPACT_ATOMS: atom_id res chain seq x y z
N MET A 1 -30.09 12.76 21.98
CA MET A 1 -30.12 13.11 20.53
C MET A 1 -29.98 11.87 19.64
N ILE A 2 -29.00 11.03 19.96
CA ILE A 2 -28.73 9.82 19.19
C ILE A 2 -29.34 8.58 19.80
N GLU A 3 -30.24 7.94 19.07
CA GLU A 3 -30.81 6.71 19.54
C GLU A 3 -30.75 5.63 18.48
N ILE A 4 -30.07 4.53 18.82
CA ILE A 4 -29.99 3.39 17.91
C ILE A 4 -31.02 2.43 18.48
N GLU A 5 -31.95 1.98 17.62
CA GLU A 5 -33.09 1.10 17.97
C GLU A 5 -33.02 -0.24 17.30
N SER A 6 -32.66 -1.27 18.06
CA SER A 6 -32.62 -2.64 17.51
C SER A 6 -31.87 -2.65 16.19
N LEU A 7 -30.65 -2.15 16.10
CA LEU A 7 -29.92 -2.07 14.85
C LEU A 7 -29.25 -3.37 14.50
N SER A 8 -29.09 -3.61 13.20
CA SER A 8 -28.48 -4.82 12.67
C SER A 8 -28.14 -4.63 11.20
N ARG A 9 -26.90 -4.90 10.84
CA ARG A 9 -26.44 -4.78 9.45
C ARG A 9 -25.37 -5.85 9.27
N LYS A 10 -25.29 -6.43 8.07
CA LYS A 10 -24.32 -7.47 7.82
C LYS A 10 -23.42 -7.25 6.62
N TRP A 11 -22.13 -7.14 6.89
CA TRP A 11 -21.14 -6.94 5.86
C TRP A 11 -20.32 -8.21 5.68
N LYS A 12 -19.21 -8.12 4.94
CA LYS A 12 -18.38 -9.30 4.71
C LYS A 12 -17.43 -9.69 5.85
N ASN A 13 -17.25 -8.81 6.84
CA ASN A 13 -16.36 -9.13 7.96
C ASN A 13 -16.88 -8.61 9.32
N PHE A 14 -17.87 -7.73 9.29
CA PHE A 14 -18.43 -7.16 10.52
C PHE A 14 -19.91 -7.46 10.62
N SER A 15 -20.34 -7.90 11.80
CA SER A 15 -21.74 -8.23 12.04
C SER A 15 -22.29 -7.41 13.19
N LEU A 16 -23.38 -6.70 12.94
CA LEU A 16 -24.02 -5.92 13.99
C LEU A 16 -25.37 -6.55 14.30
N ASP A 17 -25.56 -7.02 15.52
CA ASP A 17 -26.84 -7.61 15.91
C ASP A 17 -27.45 -6.92 17.12
N ASN A 18 -28.75 -6.66 17.02
CA ASN A 18 -29.53 -6.03 18.08
C ASN A 18 -28.74 -5.02 18.90
N LEU A 19 -28.60 -3.81 18.35
CA LEU A 19 -27.89 -2.77 19.05
C LEU A 19 -28.86 -1.68 19.45
N SER A 20 -28.93 -1.42 20.75
CA SER A 20 -29.80 -0.38 21.25
C SER A 20 -29.01 0.56 22.15
N LEU A 21 -29.11 1.86 21.88
CA LEU A 21 -28.40 2.83 22.70
C LEU A 21 -29.11 4.16 22.71
N LYS A 22 -28.88 4.92 23.77
CA LYS A 22 -29.47 6.23 23.92
C LYS A 22 -28.39 7.19 24.39
N VAL A 23 -27.97 8.11 23.52
CA VAL A 23 -27.00 9.12 23.92
C VAL A 23 -27.89 10.35 24.15
N GLU A 24 -27.93 10.86 25.38
CA GLU A 24 -28.76 12.04 25.68
C GLU A 24 -28.02 13.31 25.30
N SER A 25 -28.79 14.35 24.96
CA SER A 25 -28.23 15.63 24.55
C SER A 25 -27.05 16.15 25.40
N GLY A 26 -26.01 16.64 24.73
CA GLY A 26 -24.84 17.18 25.41
C GLY A 26 -23.89 16.17 26.03
N GLU A 27 -24.30 14.91 26.05
CA GLU A 27 -23.51 13.84 26.61
C GLU A 27 -22.39 13.43 25.64
N TYR A 28 -21.19 13.17 26.16
CA TYR A 28 -20.06 12.75 25.30
C TYR A 28 -19.99 11.23 25.39
N PHE A 29 -20.77 10.55 24.56
CA PHE A 29 -20.83 9.09 24.57
C PHE A 29 -19.70 8.43 23.81
N VAL A 30 -19.12 7.38 24.38
CA VAL A 30 -18.00 6.70 23.73
C VAL A 30 -18.19 5.20 23.50
N ILE A 31 -18.09 4.76 22.24
CA ILE A 31 -18.20 3.35 21.93
C ILE A 31 -16.78 2.81 21.98
N LEU A 32 -16.58 1.68 22.65
CA LEU A 32 -15.27 1.08 22.84
C LEU A 32 -15.17 -0.37 22.43
N GLY A 33 -14.07 -0.74 21.79
CA GLY A 33 -13.89 -2.12 21.39
C GLY A 33 -13.47 -2.41 19.95
N PRO A 34 -14.40 -2.26 18.99
CA PRO A 34 -14.15 -2.52 17.56
C PRO A 34 -12.80 -2.06 17.03
N THR A 35 -12.34 -2.68 15.94
CA THR A 35 -11.07 -2.33 15.34
C THR A 35 -11.26 -1.92 13.88
N GLY A 36 -10.91 -0.67 13.57
CA GLY A 36 -11.01 -0.14 12.22
C GLY A 36 -12.25 -0.48 11.42
N ALA A 37 -12.19 -1.59 10.70
CA ALA A 37 -13.30 -2.04 9.87
C ALA A 37 -14.63 -1.77 10.55
N GLY A 38 -14.75 -2.23 11.79
CA GLY A 38 -15.98 -2.03 12.53
C GLY A 38 -16.29 -0.57 12.83
N LYS A 39 -15.52 0.02 13.74
CA LYS A 39 -15.69 1.40 14.15
C LYS A 39 -16.22 2.27 13.02
N THR A 40 -15.35 2.51 12.05
CA THR A 40 -15.66 3.34 10.90
C THR A 40 -17.01 3.06 10.23
N LEU A 41 -17.41 1.79 10.14
CA LEU A 41 -18.68 1.47 9.51
C LEU A 41 -19.87 1.77 10.40
N PHE A 42 -19.79 1.30 11.65
CA PHE A 42 -20.86 1.55 12.59
C PHE A 42 -21.20 3.04 12.54
N LEU A 43 -20.17 3.87 12.56
CA LEU A 43 -20.33 5.31 12.51
C LEU A 43 -20.92 5.75 11.17
N GLU A 44 -20.47 5.13 10.09
CA GLU A 44 -20.98 5.49 8.76
C GLU A 44 -22.47 5.17 8.68
N LEU A 45 -22.87 4.03 9.23
CA LEU A 45 -24.27 3.64 9.23
C LEU A 45 -25.10 4.68 9.99
N ILE A 46 -24.55 5.20 11.09
CA ILE A 46 -25.21 6.23 11.88
C ILE A 46 -25.39 7.46 10.95
N ALA A 47 -24.28 7.89 10.35
CA ALA A 47 -24.23 9.04 9.45
C ALA A 47 -25.07 8.85 8.19
N GLY A 48 -25.55 7.63 7.97
CA GLY A 48 -26.39 7.37 6.82
C GLY A 48 -25.72 7.07 5.49
N PHE A 49 -24.73 6.18 5.48
CA PHE A 49 -24.07 5.80 4.24
C PHE A 49 -24.41 4.34 4.00
N HIS A 50 -25.02 3.74 5.00
CA HIS A 50 -25.42 2.35 4.92
C HIS A 50 -26.79 2.20 5.55
N VAL A 51 -27.74 1.68 4.80
CA VAL A 51 -29.06 1.47 5.35
C VAL A 51 -28.96 0.11 6.07
N PRO A 52 -29.56 0.00 7.27
CA PRO A 52 -29.48 -1.26 7.99
C PRO A 52 -30.25 -2.40 7.29
N ASP A 53 -30.30 -3.55 7.95
CA ASP A 53 -31.03 -4.70 7.43
C ASP A 53 -32.33 -4.68 8.22
N SER A 54 -32.19 -4.38 9.51
CA SER A 54 -33.31 -4.27 10.44
C SER A 54 -32.96 -3.16 11.44
N GLY A 55 -33.96 -2.53 12.02
CA GLY A 55 -33.69 -1.49 12.99
C GLY A 55 -33.83 -0.05 12.53
N ARG A 56 -33.74 0.86 13.49
CA ARG A 56 -33.86 2.30 13.26
C ARG A 56 -32.70 3.13 13.83
N ILE A 57 -32.61 4.37 13.36
CA ILE A 57 -31.60 5.34 13.78
C ILE A 57 -32.37 6.67 13.94
N LEU A 58 -32.35 7.23 15.15
CA LEU A 58 -33.10 8.46 15.43
C LEU A 58 -32.28 9.59 15.99
N LEU A 59 -31.88 10.50 15.12
CA LEU A 59 -31.08 11.66 15.52
C LEU A 59 -31.95 12.86 15.84
N ASP A 60 -31.73 13.47 17.01
CA ASP A 60 -32.52 14.64 17.42
C ASP A 60 -33.98 14.18 17.51
N GLY A 61 -34.17 12.87 17.50
CA GLY A 61 -35.51 12.31 17.56
C GLY A 61 -36.16 12.12 16.18
N LYS A 62 -35.38 12.20 15.10
CA LYS A 62 -35.90 12.04 13.75
C LYS A 62 -35.48 10.68 13.18
N ASP A 63 -36.43 9.88 12.69
CA ASP A 63 -36.08 8.58 12.11
C ASP A 63 -35.38 8.86 10.80
N VAL A 64 -34.06 8.68 10.79
CA VAL A 64 -33.26 8.96 9.60
C VAL A 64 -32.69 7.74 8.91
N THR A 65 -32.89 6.59 9.52
CA THR A 65 -32.38 5.30 9.02
C THR A 65 -32.52 5.12 7.51
N ASP A 66 -33.49 5.81 6.91
CA ASP A 66 -33.76 5.73 5.47
C ASP A 66 -33.66 7.09 4.77
N LEU A 67 -32.94 8.04 5.36
CA LEU A 67 -32.77 9.36 4.74
C LEU A 67 -31.37 9.44 4.16
N SER A 68 -30.95 10.66 3.85
CA SER A 68 -29.62 10.85 3.32
C SER A 68 -28.76 11.71 4.24
N PRO A 69 -27.44 11.53 4.15
CA PRO A 69 -26.39 12.22 4.91
C PRO A 69 -26.61 13.71 5.05
N GLU A 70 -26.93 14.35 3.92
CA GLU A 70 -27.17 15.81 3.90
C GLU A 70 -28.35 16.13 4.81
N LYS A 71 -29.32 15.20 4.85
CA LYS A 71 -30.51 15.36 5.67
C LYS A 71 -30.32 14.99 7.14
N HIS A 72 -29.41 14.07 7.43
CA HIS A 72 -29.14 13.68 8.81
C HIS A 72 -28.67 14.92 9.59
N ASP A 73 -28.18 15.94 8.87
CA ASP A 73 -27.71 17.20 9.45
C ASP A 73 -26.76 16.95 10.63
N ILE A 74 -25.61 16.34 10.35
CA ILE A 74 -24.62 16.03 11.37
C ILE A 74 -23.28 16.71 11.09
N ALA A 75 -22.31 16.29 11.88
CA ALA A 75 -20.94 16.72 11.82
C ALA A 75 -20.21 15.36 11.81
N PHE A 76 -19.35 15.15 10.81
CA PHE A 76 -18.63 13.89 10.69
C PHE A 76 -17.15 14.09 10.41
N VAL A 77 -16.29 13.57 11.28
CA VAL A 77 -14.89 13.73 11.06
C VAL A 77 -14.14 12.40 11.08
N TYR A 78 -13.87 11.86 9.89
CA TYR A 78 -13.15 10.61 9.74
C TYR A 78 -11.82 10.72 10.50
N GLN A 79 -11.16 9.58 10.72
CA GLN A 79 -9.89 9.58 11.40
C GLN A 79 -8.87 10.37 10.60
N ASN A 80 -8.87 10.15 9.29
CA ASN A 80 -7.96 10.82 8.37
C ASN A 80 -8.68 12.00 7.78
N TYR A 81 -8.99 12.99 8.61
CA TYR A 81 -9.69 14.22 8.21
C TYR A 81 -9.73 14.40 6.70
N SER A 82 -10.87 14.05 6.10
CA SER A 82 -11.01 14.12 4.65
C SER A 82 -11.17 15.53 4.09
N LEU A 83 -10.12 16.33 4.21
CA LEU A 83 -10.15 17.70 3.69
C LEU A 83 -10.10 17.69 2.17
N PHE A 84 -10.81 18.63 1.55
CA PHE A 84 -10.81 18.75 0.09
C PHE A 84 -9.52 19.47 -0.34
N PRO A 85 -8.60 18.75 -0.99
CA PRO A 85 -7.31 19.24 -1.49
C PRO A 85 -7.28 20.32 -2.56
N HIS A 86 -8.40 20.59 -3.20
CA HIS A 86 -8.42 21.62 -4.23
C HIS A 86 -9.15 22.85 -3.73
N MET A 87 -8.98 23.17 -2.45
CA MET A 87 -9.63 24.34 -1.84
C MET A 87 -8.84 24.78 -0.60
N ASN A 88 -8.39 26.03 -0.58
CA ASN A 88 -7.66 26.51 0.58
C ASN A 88 -8.57 26.36 1.77
N VAL A 89 -7.99 26.14 2.95
CA VAL A 89 -8.76 25.97 4.18
C VAL A 89 -10.11 26.68 4.16
N LYS A 90 -10.06 28.01 4.09
CA LYS A 90 -11.28 28.82 4.06
C LYS A 90 -12.33 28.20 3.14
N LYS A 91 -11.98 27.99 1.87
CA LYS A 91 -12.92 27.42 0.91
C LYS A 91 -13.59 26.17 1.46
N ASN A 92 -12.82 25.38 2.21
CA ASN A 92 -13.36 24.19 2.81
C ASN A 92 -14.46 24.59 3.78
N LEU A 93 -14.10 25.40 4.78
CA LEU A 93 -15.07 25.88 5.77
C LEU A 93 -16.36 26.29 5.10
N GLU A 94 -16.21 27.14 4.08
CA GLU A 94 -17.30 27.68 3.29
C GLU A 94 -18.25 26.60 2.78
N PHE A 95 -17.67 25.59 2.16
CA PHE A 95 -18.43 24.48 1.58
C PHE A 95 -19.75 24.17 2.27
N GLY A 96 -19.67 23.78 3.54
CA GLY A 96 -20.89 23.47 4.27
C GLY A 96 -21.95 24.53 4.10
N MET A 97 -21.52 25.79 4.21
CA MET A 97 -22.39 26.94 4.06
C MET A 97 -23.07 26.96 2.69
N ARG A 98 -22.26 27.18 1.67
CA ARG A 98 -22.73 27.22 0.29
C ARG A 98 -23.70 26.08 0.03
N MET A 99 -23.45 24.93 0.66
CA MET A 99 -24.29 23.75 0.49
C MET A 99 -25.73 23.87 1.04
N LYS A 100 -25.89 24.47 2.22
CA LYS A 100 -27.21 24.62 2.80
C LYS A 100 -27.76 26.02 2.61
N LYS A 101 -27.06 26.79 1.77
CA LYS A 101 -27.42 28.16 1.43
C LYS A 101 -27.53 29.06 2.65
N ILE A 102 -26.39 29.45 3.19
CA ILE A 102 -26.37 30.33 4.35
C ILE A 102 -25.52 31.57 4.04
N LYS A 103 -25.72 32.61 4.84
CA LYS A 103 -25.03 33.88 4.62
C LYS A 103 -23.86 34.25 5.56
N ASP A 104 -24.08 34.21 6.87
CA ASP A 104 -23.10 34.66 7.84
C ASP A 104 -21.60 34.40 7.77
N PRO A 105 -20.80 35.45 7.45
CA PRO A 105 -19.35 35.27 7.39
C PRO A 105 -18.85 35.35 8.85
N LYS A 106 -19.72 35.77 9.77
CA LYS A 106 -19.34 35.82 11.18
C LYS A 106 -19.11 34.34 11.59
N ARG A 107 -20.12 33.48 11.44
CA ARG A 107 -20.02 32.05 11.78
C ARG A 107 -18.70 31.46 11.31
N VAL A 108 -18.31 31.81 10.10
CA VAL A 108 -17.07 31.32 9.52
C VAL A 108 -15.82 31.91 10.21
N LEU A 109 -15.72 33.23 10.33
CA LEU A 109 -14.55 33.81 10.98
C LEU A 109 -14.54 33.42 12.46
N ASP A 110 -15.72 33.30 13.07
CA ASP A 110 -15.82 32.89 14.49
C ASP A 110 -15.47 31.40 14.67
N THR A 111 -15.95 30.56 13.75
CA THR A 111 -15.67 29.12 13.81
C THR A 111 -14.16 28.97 13.66
N ALA A 112 -13.59 29.72 12.71
CA ALA A 112 -12.15 29.70 12.44
C ALA A 112 -11.33 30.07 13.66
N ARG A 113 -11.88 30.98 14.47
CA ARG A 113 -11.23 31.43 15.71
C ARG A 113 -11.32 30.32 16.73
N ASP A 114 -12.55 29.87 17.00
CA ASP A 114 -12.79 28.80 17.95
C ASP A 114 -11.78 27.66 17.84
N LEU A 115 -11.30 27.38 16.63
CA LEU A 115 -10.33 26.31 16.44
C LEU A 115 -8.91 26.79 16.18
N LYS A 116 -8.68 28.07 16.45
CA LYS A 116 -7.37 28.68 16.27
C LYS A 116 -6.77 28.44 14.88
N ILE A 117 -7.57 28.58 13.83
CA ILE A 117 -7.05 28.37 12.49
C ILE A 117 -6.91 29.64 11.65
N GLU A 118 -7.31 30.78 12.19
CA GLU A 118 -7.22 32.04 11.45
C GLU A 118 -5.94 32.16 10.61
N HIS A 119 -4.81 31.85 11.22
CA HIS A 119 -3.52 31.94 10.55
C HIS A 119 -3.28 30.97 9.39
N LEU A 120 -4.11 29.94 9.28
CA LEU A 120 -3.99 28.93 8.22
C LEU A 120 -5.08 29.08 7.16
N LEU A 121 -6.11 29.85 7.51
CA LEU A 121 -7.27 30.12 6.67
C LEU A 121 -6.99 30.17 5.16
N ASP A 122 -5.76 30.55 4.82
CA ASP A 122 -5.34 30.71 3.43
C ASP A 122 -4.52 29.55 2.83
N ARG A 123 -3.80 28.80 3.66
CA ARG A 123 -2.98 27.69 3.17
C ARG A 123 -3.77 26.55 2.52
N ASN A 124 -3.06 25.68 1.81
CA ASN A 124 -3.67 24.54 1.11
C ASN A 124 -3.52 23.25 1.90
N PRO A 125 -4.65 22.60 2.24
CA PRO A 125 -4.77 21.36 2.99
C PRO A 125 -3.57 20.41 3.09
N LEU A 126 -2.78 20.29 2.05
CA LEU A 126 -1.63 19.39 2.11
C LEU A 126 -0.38 19.90 2.84
N THR A 127 -0.30 21.20 3.11
CA THR A 127 0.85 21.73 3.83
C THR A 127 0.60 21.77 5.34
N LEU A 128 -0.61 21.37 5.74
CA LEU A 128 -1.02 21.35 7.14
C LEU A 128 -0.64 20.05 7.86
N SER A 129 -0.38 20.15 9.17
CA SER A 129 -0.01 18.97 9.97
C SER A 129 -1.27 18.29 10.49
N GLY A 130 -1.10 17.13 11.11
CA GLY A 130 -2.25 16.42 11.64
C GLY A 130 -3.29 17.34 12.26
N GLY A 131 -2.98 17.88 13.43
CA GLY A 131 -3.88 18.78 14.12
C GLY A 131 -4.39 19.88 13.22
N GLU A 132 -3.46 20.59 12.57
CA GLU A 132 -3.85 21.66 11.66
C GLU A 132 -4.96 21.16 10.76
N GLN A 133 -4.76 20.00 10.16
CA GLN A 133 -5.80 19.43 9.32
C GLN A 133 -7.04 19.11 10.15
N GLN A 134 -6.84 18.33 11.21
CA GLN A 134 -7.95 17.96 12.10
C GLN A 134 -8.82 19.14 12.54
N ARG A 135 -8.18 20.27 12.84
CA ARG A 135 -8.89 21.48 13.27
C ARG A 135 -9.75 21.94 12.13
N VAL A 136 -9.08 22.20 11.02
CA VAL A 136 -9.73 22.64 9.79
C VAL A 136 -10.92 21.71 9.56
N ALA A 137 -10.71 20.43 9.82
CA ALA A 137 -11.75 19.43 9.66
C ALA A 137 -12.96 19.79 10.52
N LEU A 138 -12.74 19.75 11.83
CA LEU A 138 -13.75 20.07 12.83
C LEU A 138 -14.36 21.44 12.49
N ALA A 139 -13.51 22.33 11.98
CA ALA A 139 -13.96 23.65 11.60
C ALA A 139 -15.14 23.56 10.63
N ARG A 140 -14.90 23.08 9.42
CA ARG A 140 -15.96 23.01 8.41
C ARG A 140 -17.06 22.06 8.78
N ALA A 141 -16.69 21.03 9.54
CA ALA A 141 -17.67 20.05 9.96
C ALA A 141 -18.67 20.68 10.92
N LEU A 142 -18.22 21.70 11.64
CA LEU A 142 -19.05 22.39 12.63
C LEU A 142 -19.47 23.82 12.26
N VAL A 143 -19.43 24.19 10.98
CA VAL A 143 -19.83 25.55 10.59
C VAL A 143 -21.35 25.61 10.43
N THR A 144 -21.94 24.51 9.97
CA THR A 144 -23.40 24.39 9.80
C THR A 144 -24.03 24.35 11.18
N ASN A 145 -23.16 24.37 12.18
CA ASN A 145 -23.51 24.29 13.62
C ASN A 145 -24.56 23.23 13.95
N PRO A 146 -24.16 21.95 13.83
CA PRO A 146 -25.16 20.94 14.16
C PRO A 146 -25.05 20.74 15.67
N LYS A 147 -25.83 19.80 16.21
CA LYS A 147 -25.74 19.55 17.64
C LYS A 147 -25.00 18.24 17.85
N ILE A 148 -25.18 17.31 16.90
CA ILE A 148 -24.57 15.98 16.95
C ILE A 148 -23.23 15.92 16.21
N LEU A 149 -22.14 15.62 16.94
CA LEU A 149 -20.79 15.50 16.38
C LEU A 149 -20.27 14.05 16.46
N LEU A 150 -20.27 13.38 15.31
CA LEU A 150 -19.80 12.01 15.21
C LEU A 150 -18.30 12.04 14.92
N LEU A 151 -17.50 11.45 15.80
CA LEU A 151 -16.05 11.43 15.58
C LEU A 151 -15.55 10.01 15.63
N ASP A 152 -14.52 9.70 14.86
CA ASP A 152 -13.96 8.36 14.92
C ASP A 152 -12.43 8.46 15.04
N GLU A 153 -11.88 7.68 15.97
CA GLU A 153 -10.45 7.65 16.25
C GLU A 153 -9.78 9.01 16.05
N PRO A 154 -10.27 10.05 16.73
CA PRO A 154 -9.71 11.40 16.60
C PRO A 154 -8.39 11.55 17.34
N LEU A 155 -8.14 10.63 18.27
CA LEU A 155 -6.94 10.74 19.07
C LEU A 155 -5.80 9.75 18.87
N SER A 156 -6.04 8.47 19.12
CA SER A 156 -4.99 7.45 19.03
C SER A 156 -3.94 7.57 17.91
N ALA A 157 -4.25 8.28 16.83
CA ALA A 157 -3.32 8.42 15.71
C ALA A 157 -2.55 9.75 15.64
N LEU A 158 -2.24 10.36 16.78
CA LEU A 158 -1.52 11.63 16.79
C LEU A 158 -0.26 11.54 17.62
N ASP A 159 0.64 12.51 17.50
CA ASP A 159 1.88 12.49 18.29
C ASP A 159 1.42 12.70 19.71
N PRO A 160 1.96 11.94 20.67
CA PRO A 160 1.49 12.19 22.03
C PRO A 160 1.48 13.70 22.34
N ARG A 161 2.45 14.39 21.76
CA ARG A 161 2.62 15.82 21.92
C ARG A 161 1.34 16.64 21.65
N THR A 162 0.45 16.13 20.80
CA THR A 162 -0.80 16.85 20.50
C THR A 162 -1.97 16.28 21.28
N GLN A 163 -1.90 14.99 21.57
CA GLN A 163 -2.99 14.36 22.28
C GLN A 163 -3.49 15.17 23.46
N GLU A 164 -2.60 15.60 24.34
CA GLU A 164 -3.06 16.38 25.48
C GLU A 164 -3.93 17.54 25.01
N ASN A 165 -3.37 18.44 24.21
CA ASN A 165 -4.11 19.60 23.70
C ASN A 165 -5.36 19.12 22.99
N ALA A 166 -5.16 18.21 22.04
CA ALA A 166 -6.23 17.63 21.25
C ALA A 166 -7.44 17.33 22.11
N ARG A 167 -7.22 16.56 23.17
CA ARG A 167 -8.28 16.20 24.10
C ARG A 167 -9.01 17.45 24.59
N GLU A 168 -8.25 18.49 24.96
CA GLU A 168 -8.85 19.72 25.42
C GLU A 168 -9.75 20.26 24.31
N MET A 169 -9.15 20.64 23.19
CA MET A 169 -9.86 21.18 22.04
C MET A 169 -11.26 20.62 21.93
N LEU A 170 -11.32 19.29 22.02
CA LEU A 170 -12.56 18.53 21.94
C LEU A 170 -13.46 18.76 23.16
N SER A 171 -12.93 18.51 24.34
CA SER A 171 -13.69 18.71 25.55
C SER A 171 -14.33 20.10 25.47
N VAL A 172 -13.52 21.08 25.09
CA VAL A 172 -13.97 22.46 24.94
C VAL A 172 -15.16 22.54 23.96
N LEU A 173 -15.02 22.06 22.73
CA LEU A 173 -16.12 22.09 21.77
C LEU A 173 -17.36 21.39 22.33
N HIS A 174 -17.11 20.33 23.10
CA HIS A 174 -18.21 19.57 23.68
C HIS A 174 -19.17 20.50 24.39
N LYS A 175 -18.61 21.40 25.21
CA LYS A 175 -19.40 22.39 25.96
C LYS A 175 -19.77 23.66 25.16
N LYS A 176 -18.78 24.50 24.83
CA LYS A 176 -19.04 25.73 24.10
C LYS A 176 -19.94 25.63 22.88
N ASN A 177 -20.32 24.42 22.49
CA ASN A 177 -21.22 24.20 21.35
C ASN A 177 -22.39 23.36 21.82
N LYS A 178 -22.27 22.88 23.06
CA LYS A 178 -23.31 22.10 23.68
C LYS A 178 -23.57 20.92 22.77
N LEU A 179 -22.47 20.29 22.37
CA LEU A 179 -22.49 19.15 21.48
C LEU A 179 -22.84 17.84 22.15
N THR A 180 -23.38 16.94 21.36
CA THR A 180 -23.72 15.59 21.80
C THR A 180 -22.74 14.80 20.93
N VAL A 181 -21.63 14.38 21.52
CA VAL A 181 -20.59 13.67 20.78
C VAL A 181 -20.63 12.15 20.94
N LEU A 182 -20.50 11.46 19.81
CA LEU A 182 -20.44 10.00 19.76
C LEU A 182 -18.99 9.69 19.33
N HIS A 183 -18.20 9.24 20.29
CA HIS A 183 -16.78 8.96 20.10
C HIS A 183 -16.45 7.47 20.07
N ILE A 184 -15.92 6.99 18.94
CA ILE A 184 -15.56 5.57 18.81
C ILE A 184 -14.06 5.38 18.79
N THR A 185 -13.51 4.62 19.74
CA THR A 185 -12.07 4.37 19.84
C THR A 185 -11.76 2.93 20.29
N HIS A 186 -10.51 2.52 20.16
CA HIS A 186 -10.12 1.18 20.59
C HIS A 186 -9.20 1.40 21.79
N ASP A 187 -8.94 2.66 22.09
CA ASP A 187 -8.07 3.05 23.20
C ASP A 187 -8.95 3.30 24.41
N GLN A 188 -8.90 2.38 25.36
CA GLN A 188 -9.68 2.47 26.57
C GLN A 188 -9.26 3.64 27.44
N THR A 189 -7.98 3.95 27.41
CA THR A 189 -7.44 5.06 28.17
C THR A 189 -8.03 6.36 27.64
N GLU A 190 -8.20 6.44 26.32
CA GLU A 190 -8.79 7.62 25.69
C GLU A 190 -10.23 7.61 26.15
N ALA A 191 -10.87 6.46 25.98
CA ALA A 191 -12.25 6.30 26.38
C ALA A 191 -12.49 6.86 27.77
N ARG A 192 -11.75 6.39 28.77
CA ARG A 192 -11.92 6.89 30.13
C ARG A 192 -11.86 8.41 30.15
N ILE A 193 -10.64 8.92 29.97
CA ILE A 193 -10.36 10.33 29.97
C ILE A 193 -11.44 11.26 29.37
N MET A 194 -12.20 10.81 28.38
CA MET A 194 -13.17 11.71 27.80
C MET A 194 -14.64 11.32 27.76
N ALA A 195 -14.96 10.13 28.25
CA ALA A 195 -16.34 9.68 28.22
C ALA A 195 -17.23 10.19 29.34
N ASP A 196 -18.52 10.20 29.02
CA ASP A 196 -19.58 10.57 29.94
C ASP A 196 -20.20 9.19 30.13
N ARG A 197 -19.92 8.34 29.16
CA ARG A 197 -20.39 6.98 29.17
C ARG A 197 -19.62 6.18 28.12
N ILE A 198 -19.48 4.88 28.39
CA ILE A 198 -18.79 3.98 27.49
C ILE A 198 -19.80 2.91 27.07
N ALA A 199 -19.69 2.48 25.82
CA ALA A 199 -20.56 1.46 25.30
C ALA A 199 -19.63 0.41 24.74
N VAL A 200 -19.42 -0.66 25.51
CA VAL A 200 -18.52 -1.72 25.06
C VAL A 200 -19.17 -2.65 24.00
N VAL A 201 -18.54 -2.65 22.83
CA VAL A 201 -18.99 -3.46 21.71
C VAL A 201 -17.85 -4.32 21.19
N MET A 202 -17.98 -5.63 21.34
CA MET A 202 -16.94 -6.54 20.88
C MET A 202 -17.46 -7.39 19.74
N ASP A 203 -16.73 -7.36 18.64
CA ASP A 203 -17.11 -8.13 17.48
C ASP A 203 -18.56 -7.77 17.16
N GLY A 204 -18.82 -6.47 17.02
CA GLY A 204 -20.15 -6.00 16.71
C GLY A 204 -21.26 -6.56 17.59
N LYS A 205 -21.08 -6.44 18.89
CA LYS A 205 -22.05 -6.93 19.88
C LYS A 205 -21.99 -6.00 21.08
N LEU A 206 -23.11 -5.38 21.44
CA LEU A 206 -23.09 -4.51 22.60
C LEU A 206 -22.94 -5.41 23.82
N ILE A 207 -22.00 -5.11 24.71
CA ILE A 207 -21.81 -5.94 25.90
C ILE A 207 -22.10 -5.26 27.22
N GLN A 208 -21.70 -4.00 27.35
CA GLN A 208 -21.95 -3.28 28.59
C GLN A 208 -22.09 -1.81 28.23
N VAL A 209 -22.65 -1.04 29.15
CA VAL A 209 -22.83 0.39 28.95
C VAL A 209 -22.84 1.10 30.29
N GLY A 210 -22.25 2.29 30.36
CA GLY A 210 -22.25 3.00 31.64
C GLY A 210 -21.04 3.88 31.90
N LYS A 211 -21.19 4.78 32.86
CA LYS A 211 -20.14 5.71 33.24
C LYS A 211 -18.82 4.97 33.33
N PRO A 212 -17.71 5.67 33.07
CA PRO A 212 -16.38 5.08 33.12
C PRO A 212 -16.18 4.17 34.33
N GLU A 213 -16.25 4.77 35.51
CA GLU A 213 -16.06 4.04 36.76
C GLU A 213 -16.75 2.67 36.76
N GLU A 214 -17.96 2.63 36.23
CA GLU A 214 -18.74 1.39 36.16
C GLU A 214 -18.17 0.36 35.20
N ILE A 215 -17.46 0.81 34.18
CA ILE A 215 -16.91 -0.11 33.21
C ILE A 215 -15.63 -0.77 33.67
N PHE A 216 -14.77 -0.06 34.37
CA PHE A 216 -13.50 -0.63 34.79
C PHE A 216 -13.48 -1.16 36.20
N GLU A 217 -14.09 -0.45 37.13
CA GLU A 217 -14.13 -0.91 38.50
C GLU A 217 -15.24 -1.95 38.69
N LYS A 218 -15.97 -2.25 37.61
CA LYS A 218 -17.07 -3.24 37.65
C LYS A 218 -17.33 -3.86 36.28
N PRO A 219 -16.38 -4.61 35.75
CA PRO A 219 -16.63 -5.22 34.44
C PRO A 219 -17.71 -6.31 34.47
N VAL A 220 -18.09 -6.79 33.29
CA VAL A 220 -19.03 -7.89 33.22
C VAL A 220 -17.97 -8.98 33.00
N GLU A 221 -18.36 -10.21 33.28
CA GLU A 221 -17.53 -11.41 33.13
C GLU A 221 -16.71 -11.62 31.86
N GLY A 222 -15.59 -12.31 32.07
CA GLY A 222 -14.67 -12.70 31.02
C GLY A 222 -14.22 -11.67 30.01
N ARG A 223 -15.01 -11.52 28.95
CA ARG A 223 -14.69 -10.59 27.89
C ARG A 223 -14.25 -9.20 28.36
N VAL A 224 -15.13 -8.51 29.08
CA VAL A 224 -14.87 -7.16 29.58
C VAL A 224 -13.70 -7.06 30.57
N ALA A 225 -13.66 -7.98 31.52
CA ALA A 225 -12.61 -8.00 32.54
C ALA A 225 -11.26 -8.25 31.88
N SER A 226 -11.25 -9.14 30.91
CA SER A 226 -10.03 -9.45 30.18
C SER A 226 -9.56 -8.21 29.40
N PHE A 227 -10.50 -7.45 28.84
CA PHE A 227 -10.17 -6.25 28.06
C PHE A 227 -9.66 -5.07 28.88
N VAL A 228 -10.01 -5.00 30.17
CA VAL A 228 -9.57 -3.88 30.97
C VAL A 228 -9.07 -4.21 32.37
N GLY A 229 -8.86 -5.50 32.68
CA GLY A 229 -8.48 -6.00 34.00
C GLY A 229 -7.18 -5.39 34.57
N PHE A 230 -7.17 -5.30 35.88
CA PHE A 230 -6.02 -4.82 36.67
C PHE A 230 -5.20 -3.67 36.10
N GLU A 231 -5.67 -2.46 36.35
CA GLU A 231 -4.99 -1.26 35.92
C GLU A 231 -5.42 -0.19 36.89
N ASN A 232 -4.46 0.55 37.41
CA ASN A 232 -4.78 1.61 38.34
C ASN A 232 -4.77 2.95 37.65
N VAL A 233 -5.94 3.54 37.51
CA VAL A 233 -6.03 4.85 36.92
C VAL A 233 -6.87 5.61 37.94
N LEU A 234 -6.29 6.66 38.51
CA LEU A 234 -6.99 7.43 39.51
C LEU A 234 -7.34 8.81 39.00
N LYS A 235 -8.63 9.14 38.96
CA LYS A 235 -9.03 10.47 38.51
C LYS A 235 -8.81 11.35 39.72
N GLY A 236 -7.99 12.37 39.58
CA GLY A 236 -7.72 13.23 40.71
C GLY A 236 -7.62 14.70 40.36
N ARG A 237 -7.34 15.51 41.36
CA ARG A 237 -7.24 16.96 41.17
C ARG A 237 -5.94 17.45 41.80
N VAL A 238 -5.09 18.08 41.00
CA VAL A 238 -3.80 18.58 41.50
C VAL A 238 -3.96 19.66 42.57
N ILE A 239 -3.47 19.39 43.78
CA ILE A 239 -3.60 20.35 44.87
C ILE A 239 -2.39 21.27 44.98
N SER A 240 -1.23 20.74 44.65
CA SER A 240 -0.02 21.54 44.72
C SER A 240 0.90 21.09 43.60
N ALA A 241 1.69 22.03 43.07
CA ALA A 241 2.63 21.71 42.00
C ALA A 241 3.87 22.60 42.09
N GLU A 242 4.70 22.33 43.08
CA GLU A 242 5.90 23.11 43.30
C GLU A 242 7.11 22.47 42.65
N GLN A 243 7.60 23.09 41.59
CA GLN A 243 8.80 22.61 40.91
C GLN A 243 8.63 21.25 40.22
N GLY A 244 7.65 21.14 39.33
CA GLY A 244 7.46 19.89 38.60
C GLY A 244 6.86 18.72 39.36
N LEU A 245 6.94 18.77 40.68
CA LEU A 245 6.40 17.70 41.50
C LEU A 245 4.96 17.99 41.88
N LEU A 246 4.04 17.14 41.45
CA LEU A 246 2.63 17.32 41.74
C LEU A 246 2.21 16.58 42.97
N ARG A 247 1.11 17.04 43.54
CA ARG A 247 0.47 16.43 44.69
C ARG A 247 -0.96 16.45 44.23
N ILE A 248 -1.46 15.27 43.95
CA ILE A 248 -2.79 15.10 43.42
C ILE A 248 -3.67 14.47 44.46
N ARG A 249 -4.95 14.81 44.41
CA ARG A 249 -5.93 14.29 45.36
C ARG A 249 -6.89 13.32 44.72
N VAL A 250 -7.06 12.19 45.38
CA VAL A 250 -7.99 11.19 44.89
C VAL A 250 -8.85 10.83 46.07
N GLY A 251 -10.17 10.99 45.92
CA GLY A 251 -11.05 10.68 47.01
C GLY A 251 -10.57 11.37 48.28
N GLU A 252 -10.11 10.58 49.24
CA GLU A 252 -9.63 11.12 50.49
C GLU A 252 -8.12 11.05 50.71
N VAL A 253 -7.38 10.50 49.75
CA VAL A 253 -5.93 10.39 49.91
C VAL A 253 -5.15 11.33 49.00
N VAL A 254 -3.86 11.43 49.25
CA VAL A 254 -2.98 12.29 48.46
C VAL A 254 -1.86 11.51 47.80
N ILE A 255 -1.63 11.79 46.53
CA ILE A 255 -0.59 11.08 45.80
C ILE A 255 0.45 12.03 45.22
N ASP A 256 1.71 11.68 45.40
CA ASP A 256 2.82 12.46 44.89
C ASP A 256 3.21 11.87 43.54
N ALA A 257 3.43 12.74 42.56
CA ALA A 257 3.80 12.27 41.24
C ALA A 257 4.52 13.40 40.54
N ALA A 258 4.73 13.29 39.24
CA ALA A 258 5.43 14.33 38.54
C ALA A 258 4.86 14.71 37.18
N GLY A 259 5.07 15.95 36.78
CA GLY A 259 4.56 16.42 35.50
C GLY A 259 4.18 17.89 35.58
N ASP A 260 4.14 18.55 34.44
CA ASP A 260 3.79 19.96 34.43
C ASP A 260 2.28 20.10 34.34
N MET A 261 1.67 20.52 35.44
CA MET A 261 0.23 20.70 35.50
C MET A 261 0.06 21.77 36.55
N GLU A 262 -1.00 22.56 36.43
CA GLU A 262 -1.26 23.61 37.42
C GLU A 262 -2.29 23.12 38.44
N VAL A 263 -2.29 23.75 39.61
CA VAL A 263 -3.21 23.40 40.66
C VAL A 263 -4.63 23.52 40.10
N GLY A 264 -5.53 22.64 40.53
CA GLY A 264 -6.89 22.70 40.05
C GLY A 264 -7.11 21.90 38.78
N ASP A 265 -6.07 21.22 38.30
CA ASP A 265 -6.19 20.42 37.09
C ASP A 265 -6.71 19.03 37.37
N GLN A 266 -7.83 18.70 36.73
CA GLN A 266 -8.43 17.38 36.88
C GLN A 266 -7.49 16.50 36.07
N VAL A 267 -6.70 15.66 36.74
CA VAL A 267 -5.77 14.80 36.02
C VAL A 267 -5.99 13.32 36.23
N TYR A 268 -5.22 12.54 35.49
CA TYR A 268 -5.26 11.10 35.56
C TYR A 268 -3.90 10.53 35.88
N ALA A 269 -3.88 9.61 36.84
CA ALA A 269 -2.65 9.00 37.25
C ALA A 269 -2.72 7.51 37.00
N PHE A 270 -1.83 7.01 36.14
CA PHE A 270 -1.74 5.60 35.82
C PHE A 270 -0.70 4.97 36.73
N LEU A 271 -1.02 3.81 37.29
CA LEU A 271 -0.16 3.10 38.22
C LEU A 271 -0.30 1.61 38.04
N ARG A 272 0.75 0.96 37.58
CA ARG A 272 0.69 -0.46 37.35
C ARG A 272 0.76 -1.26 38.64
N PRO A 273 0.08 -2.42 38.69
CA PRO A 273 0.07 -3.29 39.87
C PRO A 273 1.48 -3.72 40.24
N GLU A 274 2.36 -3.80 39.26
CA GLU A 274 3.73 -4.20 39.54
C GLU A 274 4.58 -3.06 40.06
N ASN A 275 3.99 -1.96 40.49
CA ASN A 275 4.84 -0.87 40.96
C ASN A 275 4.37 -0.52 42.36
N ILE A 276 3.41 -1.31 42.85
CA ILE A 276 2.90 -1.09 44.20
C ILE A 276 3.41 -2.18 45.08
N ALA A 277 3.80 -1.83 46.29
CA ALA A 277 4.32 -2.78 47.23
C ALA A 277 3.37 -2.88 48.40
N LEU A 278 3.67 -3.78 49.33
CA LEU A 278 2.83 -3.95 50.51
C LEU A 278 3.69 -4.31 51.70
N SER A 279 3.67 -3.46 52.73
CA SER A 279 4.43 -3.68 53.96
C SER A 279 3.44 -3.62 55.10
N LYS A 280 3.81 -4.17 56.26
CA LYS A 280 2.92 -4.10 57.39
C LYS A 280 3.45 -2.89 58.15
N SER A 281 3.98 -1.92 57.42
CA SER A 281 4.53 -0.70 58.02
C SER A 281 5.16 0.25 57.01
N SER A 282 5.07 1.54 57.27
CA SER A 282 5.66 2.53 56.37
C SER A 282 6.96 3.08 56.93
N THR A 283 8.04 2.82 56.21
CA THR A 283 9.36 3.28 56.57
C THR A 283 9.62 4.52 55.73
N GLN A 284 10.69 5.25 56.01
CA GLN A 284 11.00 6.42 55.19
C GLN A 284 11.96 6.02 54.06
N SER A 285 11.38 5.70 52.92
CA SER A 285 12.12 5.29 51.74
C SER A 285 12.14 6.50 50.84
N SER A 286 12.59 6.30 49.62
CA SER A 286 12.60 7.37 48.65
C SER A 286 11.20 7.33 48.06
N ILE A 287 10.32 6.64 48.78
CA ILE A 287 8.95 6.48 48.35
C ILE A 287 8.05 7.55 48.92
N ARG A 288 7.62 8.40 48.01
CA ARG A 288 6.75 9.50 48.29
C ARG A 288 5.36 9.08 48.77
N ASN A 289 4.85 8.05 48.08
CA ASN A 289 3.53 7.49 48.33
C ASN A 289 3.55 6.26 49.20
N SER A 290 2.69 6.26 50.21
CA SER A 290 2.55 5.14 51.13
C SER A 290 1.20 5.33 51.77
N LEU A 291 0.26 4.45 51.43
CA LEU A 291 -1.11 4.56 51.94
C LEU A 291 -1.59 3.41 52.81
N GLN A 292 -2.38 3.74 53.82
CA GLN A 292 -2.94 2.72 54.71
C GLN A 292 -4.14 2.10 54.05
N GLY A 293 -4.66 1.05 54.67
CA GLY A 293 -5.81 0.36 54.13
C GLY A 293 -5.65 -1.13 54.31
N ARG A 294 -6.74 -1.86 54.10
CA ARG A 294 -6.72 -3.30 54.26
C ARG A 294 -6.84 -4.03 52.93
N VAL A 295 -6.68 -5.34 52.96
CA VAL A 295 -6.78 -6.13 51.76
C VAL A 295 -8.25 -6.41 51.47
N THR A 296 -8.59 -6.47 50.19
CA THR A 296 -9.97 -6.74 49.83
C THR A 296 -10.09 -8.17 49.34
N GLU A 297 -9.39 -8.51 48.26
CA GLU A 297 -9.42 -9.86 47.72
C GLU A 297 -8.05 -10.30 47.27
N ALA A 298 -7.82 -11.62 47.30
CA ALA A 298 -6.54 -12.19 46.92
C ALA A 298 -6.68 -13.16 45.76
N TRP A 299 -6.32 -12.71 44.57
CA TRP A 299 -6.42 -13.56 43.39
C TRP A 299 -5.15 -14.33 43.11
N VAL A 300 -5.01 -15.47 43.75
CA VAL A 300 -3.84 -16.30 43.52
C VAL A 300 -3.79 -16.60 42.03
N LEU A 301 -2.72 -16.19 41.36
CA LEU A 301 -2.58 -16.43 39.93
C LEU A 301 -1.52 -17.48 39.69
N GLY A 302 -0.70 -17.29 38.64
CA GLY A 302 0.35 -18.24 38.34
C GLY A 302 1.47 -18.19 39.36
N ALA A 303 2.48 -17.38 39.09
CA ALA A 303 3.60 -17.24 40.02
C ALA A 303 3.32 -16.00 40.85
N LEU A 304 2.51 -15.11 40.28
CA LEU A 304 2.14 -13.87 40.91
C LEU A 304 0.80 -13.99 41.64
N VAL A 305 0.45 -12.98 42.42
CA VAL A 305 -0.79 -12.96 43.19
C VAL A 305 -1.43 -11.59 43.17
N ARG A 306 -2.55 -11.46 42.46
CA ARG A 306 -3.26 -10.19 42.40
C ARG A 306 -3.86 -9.92 43.75
N VAL A 307 -3.96 -8.65 44.10
CA VAL A 307 -4.49 -8.27 45.39
C VAL A 307 -5.21 -6.94 45.22
N LYS A 308 -6.42 -6.82 45.78
CA LYS A 308 -7.15 -5.56 45.72
C LYS A 308 -7.06 -5.02 47.13
N VAL A 309 -6.58 -3.79 47.25
CA VAL A 309 -6.44 -3.18 48.55
C VAL A 309 -7.33 -1.97 48.59
N ASP A 310 -7.82 -1.62 49.77
CA ASP A 310 -8.69 -0.47 49.95
C ASP A 310 -7.97 0.54 50.82
N CYS A 311 -7.42 1.59 50.19
CA CYS A 311 -6.69 2.64 50.90
C CYS A 311 -7.43 3.95 50.70
N GLY A 312 -8.75 3.89 50.81
CA GLY A 312 -9.55 5.08 50.59
C GLY A 312 -9.71 5.15 49.08
N VAL A 313 -8.79 4.47 48.40
CA VAL A 313 -8.78 4.40 46.93
C VAL A 313 -8.53 2.98 46.48
N PRO A 314 -9.44 2.42 45.69
CA PRO A 314 -9.22 1.05 45.23
C PRO A 314 -7.92 0.93 44.47
N LEU A 315 -7.05 0.03 44.90
CA LEU A 315 -5.78 -0.18 44.23
C LEU A 315 -5.56 -1.64 43.90
N ASN A 316 -5.08 -1.90 42.70
CA ASN A 316 -4.78 -3.26 42.24
C ASN A 316 -3.28 -3.49 42.37
N VAL A 317 -2.89 -4.32 43.33
CA VAL A 317 -1.48 -4.59 43.54
C VAL A 317 -1.16 -5.99 43.04
N LEU A 318 0.09 -6.18 42.65
CA LEU A 318 0.52 -7.46 42.14
C LEU A 318 1.68 -7.95 42.99
N ILE A 319 1.70 -9.23 43.34
CA ILE A 319 2.77 -9.77 44.18
C ILE A 319 3.23 -11.17 43.81
N THR A 320 4.50 -11.45 44.09
CA THR A 320 5.06 -12.78 43.83
C THR A 320 4.27 -13.70 44.75
N ARG A 321 3.83 -14.85 44.23
CA ARG A 321 3.05 -15.76 45.04
C ARG A 321 3.70 -16.08 46.39
N ARG A 322 5.03 -16.19 46.39
CA ARG A 322 5.79 -16.52 47.59
C ARG A 322 5.68 -15.44 48.68
N SER A 323 5.75 -14.17 48.31
CA SER A 323 5.65 -13.11 49.30
C SER A 323 4.25 -13.16 49.85
N ALA A 324 3.32 -13.54 48.99
CA ALA A 324 1.93 -13.62 49.37
C ALA A 324 1.70 -14.65 50.46
N GLU A 325 2.63 -15.59 50.63
CA GLU A 325 2.50 -16.60 51.66
C GLU A 325 3.26 -16.19 52.93
N GLU A 326 4.39 -15.51 52.75
CA GLU A 326 5.19 -15.05 53.88
C GLU A 326 4.39 -14.00 54.62
N MET A 327 3.50 -13.34 53.88
CA MET A 327 2.62 -12.32 54.44
C MET A 327 1.26 -12.98 54.59
N GLU A 328 0.21 -12.20 54.78
CA GLU A 328 -1.11 -12.79 54.98
C GLU A 328 -2.12 -12.50 53.87
N LEU A 329 -2.70 -13.56 53.35
CA LEU A 329 -3.69 -13.48 52.28
C LEU A 329 -5.01 -13.07 52.94
N SER A 330 -5.03 -13.02 54.26
CA SER A 330 -6.25 -12.67 54.99
C SER A 330 -6.94 -11.43 54.45
N PRO A 331 -8.15 -11.61 53.88
CA PRO A 331 -8.94 -10.51 53.31
C PRO A 331 -9.40 -9.56 54.39
N GLY A 332 -8.50 -8.67 54.79
CA GLY A 332 -8.84 -7.71 55.81
C GLY A 332 -7.64 -7.30 56.62
N VAL A 333 -6.46 -7.82 56.28
CA VAL A 333 -5.25 -7.48 57.02
C VAL A 333 -4.89 -6.02 56.84
N GLN A 334 -4.48 -5.36 57.93
CA GLN A 334 -4.11 -3.95 57.83
C GLN A 334 -2.93 -3.94 56.86
N ILE A 335 -2.85 -2.91 56.03
CA ILE A 335 -1.80 -2.87 55.05
C ILE A 335 -1.33 -1.50 54.66
N TYR A 336 -0.10 -1.45 54.15
CA TYR A 336 0.49 -0.22 53.65
C TYR A 336 0.84 -0.38 52.19
N ALA A 337 0.08 0.28 51.33
CA ALA A 337 0.33 0.23 49.89
C ALA A 337 1.31 1.36 49.58
N ARG A 338 2.54 0.99 49.27
CA ARG A 338 3.52 2.00 48.95
C ARG A 338 4.03 1.84 47.52
N PHE A 339 3.97 2.93 46.77
CA PHE A 339 4.41 2.92 45.41
C PHE A 339 5.21 4.16 45.15
N LYS A 340 6.25 3.96 44.37
CA LYS A 340 7.19 4.98 43.98
C LYS A 340 6.50 6.09 43.20
N ALA A 341 6.86 7.34 43.47
CA ALA A 341 6.23 8.49 42.82
C ALA A 341 6.55 8.68 41.35
N SER A 342 7.79 8.35 41.00
CA SER A 342 8.28 8.50 39.64
C SER A 342 7.77 7.41 38.72
N SER A 343 6.90 6.56 39.25
CA SER A 343 6.33 5.47 38.47
C SER A 343 4.85 5.74 38.29
N VAL A 344 4.42 6.93 38.66
CA VAL A 344 3.04 7.31 38.51
C VAL A 344 3.02 8.27 37.34
N HIS A 345 2.46 7.82 36.22
CA HIS A 345 2.37 8.64 35.02
C HIS A 345 1.08 9.44 35.07
N VAL A 346 1.17 10.76 34.89
CA VAL A 346 -0.03 11.59 34.97
C VAL A 346 -0.40 12.23 33.62
N LEU A 347 -1.69 12.16 33.28
CA LEU A 347 -2.21 12.71 32.04
C LEU A 347 -3.34 13.72 32.26
N ARG A 348 -3.55 14.60 31.29
CA ARG A 348 -4.63 15.58 31.38
C ARG A 348 -5.44 15.69 30.08
N MET B 1 35.82 -13.61 8.91
CA MET B 1 35.31 -13.94 7.55
C MET B 1 34.88 -12.68 6.78
N ILE B 2 34.09 -11.83 7.45
CA ILE B 2 33.59 -10.62 6.83
C ILE B 2 34.42 -9.38 7.16
N GLU B 3 34.99 -8.76 6.14
CA GLU B 3 35.72 -7.55 6.37
C GLU B 3 35.30 -6.45 5.41
N ILE B 4 34.83 -5.35 5.97
CA ILE B 4 34.44 -4.19 5.18
C ILE B 4 35.63 -3.25 5.32
N GLU B 5 36.19 -2.81 4.19
CA GLU B 5 37.36 -1.95 4.12
C GLU B 5 37.11 -0.60 3.51
N SER B 6 37.07 0.41 4.34
CA SER B 6 36.86 1.79 3.84
C SER B 6 35.67 1.82 2.89
N LEU B 7 34.48 1.34 3.26
CA LEU B 7 33.34 1.29 2.38
C LEU B 7 32.62 2.61 2.30
N SER B 8 32.01 2.85 1.15
CA SER B 8 31.26 4.09 0.89
C SER B 8 30.40 3.93 -0.38
N ARG B 9 29.11 4.23 -0.25
CA ARG B 9 28.18 4.12 -1.35
C ARG B 9 27.14 5.23 -1.13
N LYS B 10 26.64 5.81 -2.21
CA LYS B 10 25.65 6.89 -2.08
C LYS B 10 24.38 6.69 -2.87
N TRP B 11 23.27 6.60 -2.13
CA TRP B 11 21.96 6.42 -2.73
C TRP B 11 21.17 7.72 -2.58
N LYS B 12 19.87 7.66 -2.86
CA LYS B 12 19.04 8.87 -2.76
C LYS B 12 18.59 9.27 -1.34
N ASN B 13 18.77 8.38 -0.37
CA ASN B 13 18.37 8.70 1.01
C ASN B 13 19.33 8.16 2.07
N PHE B 14 20.23 7.26 1.68
CA PHE B 14 21.19 6.67 2.62
C PHE B 14 22.62 6.94 2.16
N SER B 15 23.46 7.35 3.11
CA SER B 15 24.84 7.64 2.80
C SER B 15 25.78 6.81 3.67
N LEU B 16 26.67 6.07 3.03
CA LEU B 16 27.64 5.26 3.76
C LEU B 16 29.02 5.86 3.54
N ASP B 17 29.66 6.33 4.62
CA ASP B 17 31.00 6.89 4.50
C ASP B 17 32.00 6.18 5.40
N ASN B 18 33.17 5.89 4.82
CA ASN B 18 34.27 5.23 5.51
C ASN B 18 33.82 4.22 6.57
N LEU B 19 33.47 3.03 6.10
CA LEU B 19 33.04 1.99 7.02
C LEU B 19 34.06 0.87 7.02
N SER B 20 34.60 0.61 8.20
CA SER B 20 35.58 -0.46 8.34
C SER B 20 35.16 -1.38 9.48
N LEU B 21 35.13 -2.69 9.20
CA LEU B 21 34.75 -3.65 10.21
C LEU B 21 35.38 -5.00 9.96
N LYS B 22 35.54 -5.76 11.03
CA LYS B 22 36.11 -7.08 10.95
C LYS B 22 35.26 -8.03 11.79
N VAL B 23 34.55 -8.93 11.12
CA VAL B 23 33.76 -9.93 11.86
C VAL B 23 34.63 -11.18 11.73
N GLU B 24 35.12 -11.69 12.87
CA GLU B 24 35.97 -12.89 12.84
C GLU B 24 35.12 -14.15 12.76
N SER B 25 35.67 -15.19 12.14
CA SER B 25 34.96 -16.45 11.98
C SER B 25 34.19 -16.96 13.20
N GLY B 26 32.95 -17.43 12.96
CA GLY B 26 32.10 -17.96 14.03
C GLY B 26 31.47 -16.93 14.95
N GLU B 27 31.90 -15.68 14.83
CA GLU B 27 31.40 -14.60 15.65
C GLU B 27 30.01 -14.16 15.16
N TYR B 28 29.08 -13.90 16.09
CA TYR B 28 27.73 -13.44 15.70
C TYR B 28 27.72 -11.89 15.82
N PHE B 29 28.16 -11.22 14.75
CA PHE B 29 28.27 -9.77 14.74
C PHE B 29 26.95 -9.08 14.46
N VAL B 30 26.65 -8.02 15.21
CA VAL B 30 25.38 -7.32 15.03
C VAL B 30 25.49 -5.81 14.74
N ILE B 31 24.95 -5.38 13.62
CA ILE B 31 24.96 -3.96 13.29
C ILE B 31 23.67 -3.38 13.87
N LEU B 32 23.77 -2.25 14.56
CA LEU B 32 22.63 -1.63 15.23
C LEU B 32 22.43 -0.18 14.88
N GLY B 33 21.17 0.22 14.71
CA GLY B 33 20.90 1.61 14.39
C GLY B 33 19.99 1.92 13.21
N PRO B 34 20.48 1.76 11.97
CA PRO B 34 19.73 2.04 10.73
C PRO B 34 18.26 1.62 10.75
N THR B 35 17.45 2.26 9.90
CA THR B 35 16.04 1.93 9.83
C THR B 35 15.67 1.54 8.39
N GLY B 36 15.20 0.30 8.23
CA GLY B 36 14.78 -0.22 6.94
C GLY B 36 15.64 0.09 5.73
N ALA B 37 15.34 1.21 5.08
CA ALA B 37 16.07 1.65 3.90
C ALA B 37 17.55 1.34 4.04
N GLY B 38 18.14 1.79 5.16
CA GLY B 38 19.55 1.56 5.38
C GLY B 38 19.92 0.10 5.55
N LYS B 39 19.52 -0.48 6.68
CA LYS B 39 19.81 -1.88 7.00
C LYS B 39 19.86 -2.75 5.76
N THR B 40 18.68 -2.97 5.17
CA THR B 40 18.53 -3.79 3.99
C THR B 40 19.54 -3.53 2.86
N LEU B 41 19.92 -2.28 2.64
CA LEU B 41 20.86 -1.98 1.57
C LEU B 41 22.28 -2.30 1.97
N PHE B 42 22.67 -1.83 3.14
CA PHE B 42 24.02 -2.11 3.63
C PHE B 42 24.29 -3.61 3.46
N LEU B 43 23.31 -4.41 3.86
CA LEU B 43 23.42 -5.87 3.75
C LEU B 43 23.45 -6.30 2.28
N GLU B 44 22.64 -5.67 1.44
CA GLU B 44 22.62 -6.03 0.03
C GLU B 44 23.97 -5.75 -0.59
N LEU B 45 24.58 -4.61 -0.23
CA LEU B 45 25.89 -4.25 -0.76
C LEU B 45 26.92 -5.30 -0.37
N ILE B 46 26.78 -5.83 0.84
CA ILE B 46 27.69 -6.89 1.33
C ILE B 46 27.49 -8.11 0.40
N ALA B 47 26.22 -8.52 0.27
CA ALA B 47 25.82 -9.66 -0.55
C ALA B 47 26.15 -9.48 -2.03
N GLY B 48 26.53 -8.26 -2.41
CA GLY B 48 26.88 -7.99 -3.80
C GLY B 48 25.78 -7.67 -4.79
N PHE B 49 24.88 -6.75 -4.42
CA PHE B 49 23.81 -6.34 -5.32
C PHE B 49 24.06 -4.90 -5.67
N HIS B 50 25.02 -4.32 -4.97
CA HIS B 50 25.39 -2.94 -5.19
C HIS B 50 26.90 -2.82 -5.10
N VAL B 51 27.51 -2.33 -6.16
CA VAL B 51 28.95 -2.14 -6.15
C VAL B 51 29.16 -0.79 -5.44
N PRO B 52 30.15 -0.70 -4.53
CA PRO B 52 30.39 0.57 -3.84
C PRO B 52 30.85 1.68 -4.78
N ASP B 53 31.17 2.82 -4.18
CA ASP B 53 31.69 3.97 -4.94
C ASP B 53 33.18 3.91 -4.69
N SER B 54 33.52 3.60 -3.44
CA SER B 54 34.90 3.46 -2.98
C SER B 54 34.92 2.36 -1.92
N GLY B 55 36.07 1.69 -1.77
CA GLY B 55 36.16 0.65 -0.76
C GLY B 55 36.09 -0.79 -1.25
N ARG B 56 36.33 -1.70 -0.31
CA ARG B 56 36.32 -3.13 -0.58
C ARG B 56 35.44 -3.95 0.38
N ILE B 57 35.16 -5.18 -0.03
CA ILE B 57 34.35 -6.13 0.75
C ILE B 57 35.09 -7.49 0.60
N LEU B 58 35.50 -8.07 1.73
CA LEU B 58 36.27 -9.31 1.71
C LEU B 58 35.70 -10.42 2.54
N LEU B 59 34.99 -11.31 1.88
CA LEU B 59 34.36 -12.46 2.54
C LEU B 59 35.27 -13.68 2.51
N ASP B 60 35.48 -14.30 3.67
CA ASP B 60 36.33 -15.49 3.77
C ASP B 60 37.73 -15.06 3.31
N GLY B 61 37.95 -13.75 3.23
CA GLY B 61 39.22 -13.21 2.78
C GLY B 61 39.32 -13.02 1.26
N LYS B 62 38.18 -13.08 0.56
CA LYS B 62 38.18 -12.92 -0.91
C LYS B 62 37.61 -11.55 -1.27
N ASP B 63 38.33 -10.76 -2.06
CA ASP B 63 37.83 -9.44 -2.48
C ASP B 63 36.67 -9.71 -3.45
N VAL B 64 35.44 -9.49 -2.97
CA VAL B 64 34.25 -9.77 -3.77
C VAL B 64 33.49 -8.51 -4.20
N THR B 65 33.94 -7.36 -3.69
CA THR B 65 33.30 -6.06 -3.97
C THR B 65 32.87 -5.86 -5.43
N ASP B 66 33.55 -6.56 -6.35
CA ASP B 66 33.26 -6.49 -7.78
C ASP B 66 32.88 -7.85 -8.41
N LEU B 67 32.40 -8.78 -7.59
CA LEU B 67 31.98 -10.09 -8.09
C LEU B 67 30.46 -10.14 -8.11
N SER B 68 29.94 -11.35 -8.24
CA SER B 68 28.50 -11.51 -8.24
C SER B 68 28.03 -12.36 -7.08
N PRO B 69 26.77 -12.14 -6.67
CA PRO B 69 26.06 -12.82 -5.56
C PRO B 69 26.28 -14.33 -5.53
N GLU B 70 26.13 -14.97 -6.69
CA GLU B 70 26.31 -16.42 -6.80
C GLU B 70 27.75 -16.78 -6.41
N LYS B 71 28.68 -15.88 -6.73
CA LYS B 71 30.10 -16.05 -6.42
C LYS B 71 30.49 -15.70 -4.97
N HIS B 72 29.76 -14.76 -4.36
CA HIS B 72 30.02 -14.38 -2.96
C HIS B 72 29.85 -15.61 -2.07
N ASP B 73 29.10 -16.61 -2.57
CA ASP B 73 28.84 -17.87 -1.86
C ASP B 73 28.41 -17.63 -0.41
N ILE B 74 27.25 -16.99 -0.25
CA ILE B 74 26.73 -16.67 1.07
C ILE B 74 25.37 -17.32 1.31
N ALA B 75 24.77 -16.89 2.42
CA ALA B 75 23.46 -17.29 2.87
C ALA B 75 22.81 -15.90 3.12
N PHE B 76 21.65 -15.66 2.52
CA PHE B 76 20.96 -14.38 2.67
C PHE B 76 19.48 -14.56 2.95
N VAL B 77 19.02 -14.03 4.07
CA VAL B 77 17.63 -14.16 4.39
C VAL B 77 16.98 -12.81 4.70
N TYR B 78 16.30 -12.26 3.69
CA TYR B 78 15.58 -10.99 3.83
C TYR B 78 14.63 -11.08 5.02
N GLN B 79 14.14 -9.93 5.48
CA GLN B 79 13.21 -9.92 6.59
C GLN B 79 11.95 -10.68 6.22
N ASN B 80 11.47 -10.44 5.00
CA ASN B 80 10.28 -11.07 4.47
C ASN B 80 10.70 -12.27 3.65
N TYR B 81 11.28 -13.28 4.32
CA TYR B 81 11.75 -14.52 3.68
C TYR B 81 11.21 -14.68 2.27
N SER B 82 12.05 -14.35 1.29
CA SER B 82 11.66 -14.41 -0.11
C SER B 82 11.55 -15.82 -0.70
N LEU B 83 10.60 -16.60 -0.20
CA LEU B 83 10.41 -17.97 -0.69
C LEU B 83 9.80 -17.93 -2.08
N PHE B 84 10.20 -18.88 -2.93
CA PHE B 84 9.66 -18.98 -4.29
C PHE B 84 8.30 -19.69 -4.21
N PRO B 85 7.22 -18.94 -4.47
CA PRO B 85 5.81 -19.39 -4.44
C PRO B 85 5.36 -20.47 -5.43
N HIS B 86 6.15 -20.74 -6.45
CA HIS B 86 5.78 -21.76 -7.41
C HIS B 86 6.61 -23.03 -7.23
N MET B 87 6.92 -23.35 -5.97
CA MET B 87 7.72 -24.54 -5.63
C MET B 87 7.45 -24.97 -4.20
N ASN B 88 6.99 -26.21 -4.01
CA ASN B 88 6.73 -26.70 -2.66
C ASN B 88 8.04 -26.58 -1.89
N VAL B 89 7.93 -26.37 -0.58
CA VAL B 89 9.11 -26.21 0.27
C VAL B 89 10.34 -26.95 -0.25
N LYS B 90 10.24 -28.28 -0.30
CA LYS B 90 11.34 -29.10 -0.77
C LYS B 90 12.00 -28.50 -2.02
N LYS B 91 11.20 -28.26 -3.07
CA LYS B 91 11.73 -27.70 -4.31
C LYS B 91 12.58 -26.48 -4.04
N ASN B 92 12.16 -25.68 -3.07
CA ASN B 92 12.92 -24.50 -2.71
C ASN B 92 14.29 -24.92 -2.21
N LEU B 93 14.31 -25.74 -1.16
CA LEU B 93 15.56 -26.24 -0.59
C LEU B 93 16.51 -26.68 -1.70
N GLU B 94 15.96 -27.52 -2.59
CA GLU B 94 16.67 -28.09 -3.75
C GLU B 94 17.38 -27.02 -4.56
N PHE B 95 16.64 -25.99 -4.93
CA PHE B 95 17.14 -24.89 -5.73
C PHE B 95 18.65 -24.61 -5.57
N GLY B 96 19.06 -24.22 -4.37
CA GLY B 96 20.46 -23.93 -4.14
C GLY B 96 21.36 -25.02 -4.69
N MET B 97 20.97 -26.26 -4.45
CA MET B 97 21.70 -27.46 -4.92
C MET B 97 21.83 -27.48 -6.44
N ARG B 98 20.68 -27.68 -7.09
CA ARG B 98 20.62 -27.71 -8.54
C ARG B 98 21.43 -26.57 -9.14
N MET B 99 21.46 -25.44 -8.45
CA MET B 99 22.21 -24.27 -8.91
C MET B 99 23.76 -24.42 -8.94
N LYS B 100 24.32 -25.04 -7.91
CA LYS B 100 25.77 -25.21 -7.85
C LYS B 100 26.17 -26.62 -8.25
N LYS B 101 25.19 -27.37 -8.77
CA LYS B 101 25.35 -28.75 -9.22
C LYS B 101 25.89 -29.68 -8.14
N ILE B 102 25.03 -30.03 -7.20
CA ILE B 102 25.42 -30.93 -6.12
C ILE B 102 24.50 -32.15 -6.10
N LYS B 103 24.95 -33.20 -5.42
CA LYS B 103 24.21 -34.45 -5.37
C LYS B 103 23.45 -34.80 -4.07
N ASP B 104 24.15 -34.77 -2.93
CA ASP B 104 23.59 -35.22 -1.66
C ASP B 104 22.17 -34.93 -1.17
N PRO B 105 21.29 -35.96 -1.17
CA PRO B 105 19.93 -35.75 -0.68
C PRO B 105 19.99 -35.82 0.85
N LYS B 106 21.14 -36.27 1.38
CA LYS B 106 21.31 -36.33 2.83
C LYS B 106 21.28 -34.85 3.31
N ARG B 107 22.19 -34.01 2.79
CA ARG B 107 22.26 -32.59 3.13
C ARG B 107 20.86 -31.96 3.20
N VAL B 108 20.04 -32.28 2.21
CA VAL B 108 18.69 -31.76 2.15
C VAL B 108 17.76 -32.35 3.24
N LEU B 109 17.68 -33.67 3.38
CA LEU B 109 16.83 -34.23 4.43
C LEU B 109 17.37 -33.85 5.82
N ASP B 110 18.70 -33.76 5.95
CA ASP B 110 19.32 -33.37 7.23
C ASP B 110 19.11 -31.87 7.51
N THR B 111 19.24 -31.03 6.48
CA THR B 111 19.03 -29.59 6.64
C THR B 111 17.58 -29.39 7.07
N ALA B 112 16.68 -30.12 6.39
CA ALA B 112 15.24 -30.07 6.67
C ALA B 112 14.92 -30.45 8.11
N ARG B 113 15.71 -31.38 8.66
CA ARG B 113 15.55 -31.82 10.05
C ARG B 113 16.04 -30.73 10.97
N ASP B 114 17.28 -30.31 10.75
CA ASP B 114 17.90 -29.26 11.56
C ASP B 114 16.94 -28.09 11.83
N LEU B 115 16.05 -27.79 10.88
CA LEU B 115 15.10 -26.69 11.06
C LEU B 115 13.68 -27.15 11.36
N LYS B 116 13.55 -28.42 11.69
CA LYS B 116 12.25 -29.01 12.01
C LYS B 116 11.18 -28.74 10.96
N ILE B 117 11.53 -28.89 9.67
CA ILE B 117 10.55 -28.65 8.61
C ILE B 117 10.09 -29.90 7.90
N GLU B 118 10.64 -31.06 8.24
CA GLU B 118 10.25 -32.30 7.58
C GLU B 118 8.74 -32.40 7.28
N HIS B 119 7.92 -32.06 8.27
CA HIS B 119 6.46 -32.12 8.13
C HIS B 119 5.84 -31.14 7.14
N LEU B 120 6.59 -30.12 6.73
CA LEU B 120 6.11 -29.11 5.79
C LEU B 120 6.73 -29.27 4.40
N LEU B 121 7.80 -30.06 4.34
CA LEU B 121 8.56 -30.33 3.13
C LEU B 121 7.74 -30.37 1.83
N ASP B 122 6.47 -30.73 1.98
CA ASP B 122 5.55 -30.87 0.85
C ASP B 122 4.59 -29.67 0.59
N ARG B 123 4.24 -28.92 1.63
CA ARG B 123 3.32 -27.80 1.48
C ARG B 123 3.85 -26.67 0.59
N ASN B 124 2.95 -25.78 0.19
CA ASN B 124 3.28 -24.64 -0.68
C ASN B 124 3.46 -23.35 0.11
N PRO B 125 4.65 -22.73 -0.02
CA PRO B 125 5.07 -21.49 0.64
C PRO B 125 4.02 -20.53 1.20
N LEU B 126 2.88 -20.38 0.52
CA LEU B 126 1.86 -19.46 1.00
C LEU B 126 0.97 -19.95 2.15
N THR B 127 0.97 -21.25 2.43
CA THR B 127 0.15 -21.76 3.52
C THR B 127 0.95 -21.82 4.83
N LEU B 128 2.22 -21.46 4.75
CA LEU B 128 3.13 -21.45 5.90
C LEU B 128 3.07 -20.16 6.71
N SER B 129 3.31 -20.25 8.03
CA SER B 129 3.30 -19.08 8.91
C SER B 129 4.68 -18.43 8.92
N GLY B 130 4.77 -17.27 9.55
CA GLY B 130 6.05 -16.58 9.62
C GLY B 130 7.23 -17.54 9.80
N GLY B 131 7.36 -18.07 11.02
CA GLY B 131 8.44 -19.00 11.32
C GLY B 131 8.54 -20.10 10.28
N GLU B 132 7.42 -20.80 10.02
CA GLU B 132 7.42 -21.88 9.03
C GLU B 132 8.13 -21.38 7.79
N GLN B 133 7.75 -20.22 7.31
CA GLN B 133 8.41 -19.67 6.14
C GLN B 133 9.88 -19.38 6.46
N GLN B 134 10.12 -18.61 7.53
CA GLN B 134 11.47 -18.26 7.93
C GLN B 134 12.43 -19.45 8.02
N ARG B 135 11.92 -20.57 8.54
CA ARG B 135 12.72 -21.80 8.68
C ARG B 135 13.08 -22.27 7.29
N VAL B 136 12.03 -22.49 6.50
CA VAL B 136 12.17 -22.93 5.13
C VAL B 136 13.22 -22.04 4.47
N ALA B 137 13.13 -20.76 4.79
CA ALA B 137 14.06 -19.77 4.25
C ALA B 137 15.48 -20.18 4.61
N LEU B 138 15.77 -20.14 5.92
CA LEU B 138 17.08 -20.51 6.46
C LEU B 138 17.49 -21.88 5.91
N ALA B 139 16.50 -22.73 5.74
CA ALA B 139 16.74 -24.06 5.23
C ALA B 139 17.48 -23.99 3.88
N ARG B 140 16.81 -23.51 2.85
CA ARG B 140 17.43 -23.45 1.53
C ARG B 140 18.62 -22.51 1.46
N ALA B 141 18.59 -21.49 2.30
CA ALA B 141 19.67 -20.52 2.32
C ALA B 141 20.94 -21.18 2.85
N LEU B 142 20.75 -22.20 3.69
CA LEU B 142 21.87 -22.92 4.29
C LEU B 142 22.10 -24.36 3.80
N VAL B 143 21.58 -24.70 2.62
CA VAL B 143 21.78 -26.08 2.11
C VAL B 143 23.13 -26.16 1.40
N THR B 144 23.53 -25.07 0.76
CA THR B 144 24.82 -24.99 0.05
C THR B 144 25.92 -24.97 1.11
N ASN B 145 25.49 -24.97 2.37
CA ASN B 145 26.35 -24.92 3.57
C ASN B 145 27.45 -23.88 3.49
N PRO B 146 27.07 -22.59 3.52
CA PRO B 146 28.16 -21.61 3.45
C PRO B 146 28.63 -21.42 4.89
N LYS B 147 29.56 -20.51 5.11
CA LYS B 147 30.01 -20.26 6.46
C LYS B 147 29.42 -18.92 6.96
N ILE B 148 29.28 -17.98 6.01
CA ILE B 148 28.75 -16.66 6.27
C ILE B 148 27.23 -16.56 6.08
N LEU B 149 26.51 -16.24 7.17
CA LEU B 149 25.03 -16.10 7.15
C LEU B 149 24.62 -14.64 7.43
N LEU B 150 24.20 -13.95 6.36
CA LEU B 150 23.76 -12.57 6.44
C LEU B 150 22.26 -12.58 6.72
N LEU B 151 21.86 -12.00 7.84
CA LEU B 151 20.44 -11.93 8.19
C LEU B 151 20.03 -10.48 8.42
N ASP B 152 18.78 -10.15 8.08
CA ASP B 152 18.32 -8.80 8.35
C ASP B 152 16.95 -8.88 9.02
N GLU B 153 16.80 -8.10 10.10
CA GLU B 153 15.57 -8.04 10.90
C GLU B 153 14.85 -9.38 10.95
N PRO B 154 15.53 -10.45 11.39
CA PRO B 154 14.94 -11.77 11.48
C PRO B 154 13.98 -11.90 12.64
N LEU B 155 14.10 -10.99 13.60
CA LEU B 155 13.30 -11.08 14.80
C LEU B 155 12.17 -10.07 15.04
N SER B 156 12.52 -8.79 15.18
CA SER B 156 11.54 -7.74 15.48
C SER B 156 10.15 -7.83 14.83
N ALA B 157 10.03 -8.55 13.71
CA ALA B 157 8.74 -8.66 13.01
C ALA B 157 7.95 -9.97 13.23
N LEU B 158 8.08 -10.59 14.40
CA LEU B 158 7.40 -11.86 14.68
C LEU B 158 6.54 -11.74 15.93
N ASP B 159 5.63 -12.70 16.15
CA ASP B 159 4.77 -12.65 17.34
C ASP B 159 5.71 -12.89 18.49
N PRO B 160 5.58 -12.12 19.58
CA PRO B 160 6.53 -12.38 20.67
C PRO B 160 6.62 -13.90 20.95
N ARG B 161 5.49 -14.57 20.77
CA ARG B 161 5.36 -16.00 20.98
C ARG B 161 6.42 -16.84 20.25
N THR B 162 6.95 -16.34 19.14
CA THR B 162 7.98 -17.08 18.39
C THR B 162 9.37 -16.54 18.69
N GLN B 163 9.46 -15.25 18.97
CA GLN B 163 10.74 -14.65 19.23
C GLN B 163 11.63 -15.49 20.14
N GLU B 164 11.11 -15.91 21.29
CA GLU B 164 11.95 -16.71 22.18
C GLU B 164 12.56 -17.89 21.41
N ASN B 165 11.70 -18.77 20.88
CA ASN B 165 12.17 -19.93 20.13
C ASN B 165 13.08 -19.47 19.00
N ALA B 166 12.56 -18.54 18.21
CA ALA B 166 13.27 -17.98 17.07
C ALA B 166 14.74 -17.72 17.42
N ARG B 167 14.94 -16.97 18.51
CA ARG B 167 16.28 -16.62 18.97
C ARG B 167 17.11 -17.90 19.15
N GLU B 168 16.51 -18.90 19.77
CA GLU B 168 17.21 -20.16 19.97
C GLU B 168 17.63 -20.71 18.61
N MET B 169 16.64 -21.07 17.80
CA MET B 169 16.87 -21.61 16.46
C MET B 169 18.14 -21.08 15.83
N LEU B 170 18.27 -19.75 15.90
CA LEU B 170 19.40 -19.02 15.37
C LEU B 170 20.67 -19.28 16.15
N SER B 171 20.62 -19.02 17.45
CA SER B 171 21.79 -19.25 18.30
C SER B 171 22.32 -20.64 17.98
N VAL B 172 21.40 -21.61 17.93
CA VAL B 172 21.73 -23.01 17.61
C VAL B 172 22.48 -23.11 16.27
N LEU B 173 21.89 -22.62 15.17
CA LEU B 173 22.58 -22.66 13.89
C LEU B 173 23.93 -21.97 13.95
N HIS B 174 24.02 -20.92 14.75
CA HIS B 174 25.26 -20.18 14.88
C HIS B 174 26.41 -21.15 15.17
N LYS B 175 26.16 -22.04 16.14
CA LYS B 175 27.14 -23.05 16.55
C LYS B 175 27.16 -24.31 15.67
N LYS B 176 26.10 -25.14 15.74
CA LYS B 176 26.05 -26.38 14.95
C LYS B 176 26.43 -26.28 13.48
N ASN B 177 26.68 -25.06 12.99
CA ASN B 177 27.09 -24.85 11.60
C ASN B 177 28.36 -24.03 11.59
N LYS B 178 28.72 -23.57 12.79
CA LYS B 178 29.94 -22.81 12.99
C LYS B 178 29.87 -21.62 12.03
N LEU B 179 28.71 -20.97 12.08
CA LEU B 179 28.41 -19.82 11.25
C LEU B 179 29.02 -18.54 11.76
N THR B 180 29.25 -17.64 10.81
CA THR B 180 29.77 -16.31 11.09
C THR B 180 28.55 -15.49 10.66
N VAL B 181 27.75 -15.06 11.63
CA VAL B 181 26.54 -14.31 11.33
C VAL B 181 26.66 -12.79 11.47
N LEU B 182 26.14 -12.09 10.45
CA LEU B 182 26.11 -10.63 10.42
C LEU B 182 24.60 -10.29 10.57
N HIS B 183 24.22 -9.84 11.76
CA HIS B 183 22.84 -9.52 12.11
C HIS B 183 22.56 -8.02 12.21
N ILE B 184 21.68 -7.51 11.34
CA ILE B 184 21.33 -6.08 11.36
C ILE B 184 19.91 -5.87 11.90
N THR B 185 19.80 -5.10 12.99
CA THR B 185 18.50 -4.83 13.62
C THR B 185 18.42 -3.40 14.16
N HIS B 186 17.20 -2.94 14.49
CA HIS B 186 17.03 -1.61 15.05
C HIS B 186 16.59 -1.83 16.49
N ASP B 187 16.46 -3.09 16.87
CA ASP B 187 16.04 -3.47 18.21
C ASP B 187 17.30 -3.74 19.01
N GLN B 188 17.63 -2.82 19.91
CA GLN B 188 18.82 -2.94 20.75
C GLN B 188 18.72 -4.11 21.72
N THR B 189 17.50 -4.39 22.16
CA THR B 189 17.25 -5.50 23.07
C THR B 189 17.57 -6.81 22.34
N GLU B 190 17.23 -6.88 21.06
CA GLU B 190 17.53 -8.07 20.26
C GLU B 190 19.04 -8.10 20.16
N ALA B 191 19.60 -6.96 19.77
CA ALA B 191 21.03 -6.82 19.61
C ALA B 191 21.75 -7.40 20.82
N ARG B 192 21.45 -6.92 22.02
CA ARG B 192 22.10 -7.45 23.22
C ARG B 192 22.01 -8.97 23.27
N ILE B 193 20.81 -9.43 23.54
CA ILE B 193 20.52 -10.86 23.65
C ILE B 193 21.27 -11.79 22.69
N MET B 194 21.62 -11.35 21.49
CA MET B 194 22.29 -12.25 20.58
C MET B 194 23.65 -11.89 20.00
N ALA B 195 24.15 -10.72 20.35
CA ALA B 195 25.43 -10.30 19.81
C ALA B 195 26.66 -10.85 20.51
N ASP B 196 27.74 -10.88 19.74
CA ASP B 196 29.07 -11.29 20.19
C ASP B 196 29.75 -9.91 20.14
N ARG B 197 29.13 -9.05 19.35
CA ARG B 197 29.61 -7.69 19.18
C ARG B 197 28.53 -6.87 18.49
N ILE B 198 28.52 -5.58 18.81
CA ILE B 198 27.57 -4.65 18.23
C ILE B 198 28.36 -3.59 17.45
N ALA B 199 27.82 -3.15 16.33
CA ALA B 199 28.46 -2.13 15.53
C ALA B 199 27.42 -1.06 15.38
N VAL B 200 27.53 -0.01 16.16
CA VAL B 200 26.56 1.07 16.08
C VAL B 200 26.78 1.99 14.86
N VAL B 201 25.76 2.03 14.01
CA VAL B 201 25.77 2.84 12.79
C VAL B 201 24.53 3.73 12.74
N MET B 202 24.75 5.04 12.83
CA MET B 202 23.64 5.97 12.79
C MET B 202 23.72 6.82 11.55
N ASP B 203 22.63 6.82 10.79
CA ASP B 203 22.57 7.60 9.57
C ASP B 203 23.79 7.21 8.73
N GLY B 204 23.95 5.90 8.50
CA GLY B 204 25.06 5.39 7.71
C GLY B 204 26.42 5.93 8.12
N LYS B 205 26.75 5.80 9.41
CA LYS B 205 28.01 6.26 9.96
C LYS B 205 28.39 5.31 11.09
N LEU B 206 29.53 4.66 11.00
CA LEU B 206 29.92 3.79 12.10
C LEU B 206 30.27 4.68 13.29
N ILE B 207 29.73 4.39 14.47
CA ILE B 207 30.01 5.22 15.63
C ILE B 207 30.74 4.53 16.76
N GLN B 208 30.40 3.27 17.03
CA GLN B 208 31.07 2.54 18.08
C GLN B 208 31.02 1.07 17.70
N VAL B 209 31.86 0.27 18.36
CA VAL B 209 31.94 -1.16 18.09
C VAL B 209 32.44 -1.88 19.33
N GLY B 210 31.90 -3.06 19.61
CA GLY B 210 32.35 -3.79 20.78
C GLY B 210 31.30 -4.65 21.46
N LYS B 211 31.78 -5.57 22.31
CA LYS B 211 30.91 -6.48 23.06
C LYS B 211 29.74 -5.70 23.64
N PRO B 212 28.60 -6.37 23.80
CA PRO B 212 27.39 -5.76 24.34
C PRO B 212 27.68 -4.85 25.54
N GLU B 213 28.17 -5.46 26.62
CA GLU B 213 28.47 -4.74 27.86
C GLU B 213 29.15 -3.39 27.59
N GLU B 214 30.08 -3.37 26.63
CA GLU B 214 30.80 -2.15 26.29
C GLU B 214 29.93 -1.09 25.63
N ILE B 215 28.88 -1.53 24.95
CA ILE B 215 28.04 -0.58 24.25
C ILE B 215 27.03 0.12 25.14
N PHE B 216 26.48 -0.60 26.11
CA PHE B 216 25.48 -0.01 26.97
C PHE B 216 25.97 0.53 28.30
N GLU B 217 26.88 -0.21 28.93
CA GLU B 217 27.44 0.24 30.19
C GLU B 217 28.56 1.26 29.95
N LYS B 218 28.86 1.55 28.68
CA LYS B 218 29.90 2.51 28.31
C LYS B 218 29.66 3.13 26.93
N PRO B 219 28.60 3.92 26.81
CA PRO B 219 28.35 4.53 25.50
C PRO B 219 29.39 5.60 25.11
N VAL B 220 29.32 6.08 23.88
CA VAL B 220 30.18 7.16 23.47
C VAL B 220 29.15 8.27 23.66
N GLU B 221 29.64 9.49 23.78
CA GLU B 221 28.86 10.72 23.94
C GLU B 221 27.62 10.95 23.08
N GLY B 222 26.67 11.66 23.69
CA GLY B 222 25.42 12.07 23.05
C GLY B 222 24.62 11.07 22.28
N ARG B 223 24.95 10.91 21.00
CA ARG B 223 24.24 10.00 20.14
C ARG B 223 23.98 8.62 20.74
N VAL B 224 25.05 7.90 21.09
CA VAL B 224 24.97 6.55 21.64
C VAL B 224 24.25 6.46 22.99
N ALA B 225 24.58 7.39 23.88
CA ALA B 225 23.99 7.42 25.22
C ALA B 225 22.49 7.69 25.11
N SER B 226 22.14 8.60 24.21
CA SER B 226 20.74 8.94 24.00
C SER B 226 19.99 7.72 23.44
N PHE B 227 20.64 6.93 22.57
CA PHE B 227 20.02 5.75 21.96
C PHE B 227 19.82 4.58 22.92
N VAL B 228 20.62 4.48 23.98
CA VAL B 228 20.48 3.36 24.89
C VAL B 228 20.54 3.69 26.37
N GLY B 229 20.52 4.99 26.74
CA GLY B 229 20.63 5.44 28.12
C GLY B 229 19.62 4.81 29.08
N PHE B 230 20.06 4.80 30.33
CA PHE B 230 19.32 4.32 31.50
C PHE B 230 18.33 3.20 31.27
N GLU B 231 18.83 1.98 31.32
CA GLU B 231 18.00 0.79 31.18
C GLU B 231 18.74 -0.29 31.92
N ASN B 232 18.02 -1.04 32.75
CA ASN B 232 18.63 -2.10 33.50
C ASN B 232 18.33 -3.43 32.87
N VAL B 233 19.36 -4.04 32.30
CA VAL B 233 19.20 -5.36 31.71
C VAL B 233 20.33 -6.14 32.33
N LEU B 234 19.99 -7.18 33.08
CA LEU B 234 21.00 -7.98 33.76
C LEU B 234 21.10 -9.36 33.15
N LYS B 235 22.28 -9.71 32.64
CA LYS B 235 22.45 -11.04 32.07
C LYS B 235 22.68 -11.92 33.27
N GLY B 236 21.84 -12.93 33.45
CA GLY B 236 21.98 -13.80 34.61
C GLY B 236 21.74 -15.26 34.30
N ARG B 237 21.83 -16.09 35.33
CA ARG B 237 21.64 -17.51 35.20
C ARG B 237 20.65 -17.99 36.26
N VAL B 238 19.54 -18.60 35.84
CA VAL B 238 18.54 -19.07 36.78
C VAL B 238 19.06 -20.15 37.72
N ILE B 239 19.06 -19.89 39.02
CA ILE B 239 19.56 -20.87 39.97
C ILE B 239 18.46 -21.77 40.53
N SER B 240 17.26 -21.22 40.66
CA SER B 240 16.15 -21.99 41.17
C SER B 240 14.88 -21.52 40.48
N ALA B 241 13.94 -22.43 40.28
CA ALA B 241 12.68 -22.08 39.63
C ALA B 241 11.54 -22.95 40.17
N GLU B 242 11.15 -22.66 41.40
CA GLU B 242 10.10 -23.42 42.05
C GLU B 242 8.73 -22.74 41.91
N GLN B 243 7.87 -23.35 41.10
CA GLN B 243 6.52 -22.84 40.91
C GLN B 243 6.44 -21.47 40.21
N GLY B 244 7.02 -21.38 39.01
CA GLY B 244 6.97 -20.13 38.26
C GLY B 244 7.84 -18.97 38.74
N LEU B 245 8.25 -19.03 40.01
CA LEU B 245 9.09 -17.99 40.58
C LEU B 245 10.55 -18.32 40.40
N LEU B 246 11.25 -17.48 39.65
CA LEU B 246 12.67 -17.68 39.39
C LEU B 246 13.54 -16.96 40.39
N ARG B 247 14.77 -17.45 40.50
CA ARG B 247 15.80 -16.86 41.34
C ARG B 247 16.95 -16.92 40.37
N ILE B 248 17.35 -15.73 39.93
CA ILE B 248 18.39 -15.59 38.95
C ILE B 248 19.61 -14.98 39.59
N ARG B 249 20.76 -15.34 39.06
CA ARG B 249 22.02 -14.86 39.57
C ARG B 249 22.71 -13.91 38.64
N VAL B 250 23.15 -12.78 39.17
CA VAL B 250 23.84 -11.80 38.38
C VAL B 250 25.09 -11.48 39.15
N GLY B 251 26.24 -11.66 38.52
CA GLY B 251 27.48 -11.38 39.21
C GLY B 251 27.48 -12.06 40.56
N GLU B 252 27.43 -11.27 41.63
CA GLU B 252 27.44 -11.82 42.97
C GLU B 252 26.13 -11.70 43.73
N VAL B 253 25.09 -11.14 43.12
CA VAL B 253 23.81 -11.01 43.80
C VAL B 253 22.73 -11.92 43.24
N VAL B 254 21.62 -11.99 43.96
CA VAL B 254 20.50 -12.83 43.55
C VAL B 254 19.22 -12.02 43.36
N ILE B 255 18.53 -12.28 42.25
CA ILE B 255 17.31 -11.55 41.97
C ILE B 255 16.12 -12.47 41.81
N ASP B 256 15.01 -12.10 42.44
CA ASP B 256 13.77 -12.84 42.40
C ASP B 256 12.92 -12.24 41.29
N ALA B 257 12.33 -13.08 40.46
CA ALA B 257 11.51 -12.60 39.36
C ALA B 257 10.56 -13.71 38.99
N ALA B 258 9.89 -13.57 37.86
CA ALA B 258 8.95 -14.62 37.47
C ALA B 258 8.97 -14.98 35.99
N GLY B 259 8.61 -16.22 35.69
CA GLY B 259 8.58 -16.69 34.32
C GLY B 259 8.94 -18.16 34.25
N ASP B 260 8.53 -18.81 33.18
CA ASP B 260 8.82 -20.23 33.02
C ASP B 260 10.19 -20.40 32.38
N MET B 261 11.15 -20.83 33.18
CA MET B 261 12.51 -21.05 32.70
C MET B 261 13.04 -22.12 33.62
N GLU B 262 13.96 -22.94 33.11
CA GLU B 262 14.54 -24.01 33.93
C GLU B 262 15.87 -23.55 34.50
N VAL B 263 16.29 -24.19 35.58
CA VAL B 263 17.56 -23.87 36.21
C VAL B 263 18.67 -24.02 35.16
N GLY B 264 19.68 -23.17 35.23
CA GLY B 264 20.76 -23.26 34.27
C GLY B 264 20.52 -22.45 33.01
N ASP B 265 19.40 -21.73 32.96
CA ASP B 265 19.06 -20.92 31.80
C ASP B 265 19.68 -19.55 31.85
N GLN B 266 20.51 -19.23 30.86
CA GLN B 266 21.14 -17.92 30.77
C GLN B 266 19.99 -17.02 30.37
N VAL B 267 19.51 -16.17 31.28
CA VAL B 267 18.40 -15.28 30.95
C VAL B 267 18.72 -13.80 31.07
N TYR B 268 17.74 -13.00 30.68
CA TYR B 268 17.85 -11.57 30.73
C TYR B 268 16.72 -10.98 31.53
N ALA B 269 17.07 -10.08 32.43
CA ALA B 269 16.10 -9.44 33.27
C ALA B 269 16.09 -7.95 33.01
N PHE B 270 14.96 -7.43 32.55
CA PHE B 270 14.79 -6.01 32.29
C PHE B 270 14.18 -5.37 33.54
N LEU B 271 14.71 -4.22 33.92
CA LEU B 271 14.27 -3.51 35.12
C LEU B 271 14.38 -2.01 34.90
N ARG B 272 13.25 -1.32 34.87
CA ARG B 272 13.24 0.11 34.63
C ARG B 272 13.66 0.90 35.85
N PRO B 273 14.35 2.03 35.65
CA PRO B 273 14.82 2.89 36.72
C PRO B 273 13.67 3.34 37.60
N GLU B 274 12.49 3.44 37.02
CA GLU B 274 11.34 3.87 37.79
C GLU B 274 10.70 2.74 38.60
N ASN B 275 11.37 1.62 38.76
CA ASN B 275 10.74 0.56 39.51
C ASN B 275 11.69 0.19 40.64
N ILE B 276 12.78 0.94 40.75
CA ILE B 276 13.75 0.70 41.80
C ILE B 276 13.62 1.79 42.81
N ALA B 277 13.69 1.44 44.07
CA ALA B 277 13.59 2.39 45.14
C ALA B 277 14.91 2.48 45.88
N LEU B 278 15.01 3.39 46.85
CA LEU B 278 16.22 3.52 47.63
C LEU B 278 15.88 3.89 49.06
N SER B 279 16.26 3.03 50.01
CA SER B 279 16.02 3.24 51.44
C SER B 279 17.36 3.16 52.12
N LYS B 280 17.46 3.69 53.32
CA LYS B 280 18.70 3.59 54.05
C LYS B 280 18.46 2.38 54.96
N SER B 281 17.68 1.42 54.48
CA SER B 281 17.37 0.20 55.23
C SER B 281 16.37 -0.71 54.53
N SER B 282 16.53 -2.02 54.74
CA SER B 282 15.62 -2.98 54.12
C SER B 282 14.62 -3.50 55.13
N THR B 283 13.36 -3.22 54.85
CA THR B 283 12.25 -3.65 55.70
C THR B 283 11.67 -4.88 55.00
N GLN B 284 10.76 -5.59 55.65
CA GLN B 284 10.15 -6.74 55.00
C GLN B 284 8.86 -6.31 54.31
N SER B 285 8.97 -6.00 53.02
CA SER B 285 7.85 -5.57 52.22
C SER B 285 7.46 -6.77 51.39
N SER B 286 6.59 -6.57 50.41
CA SER B 286 6.20 -7.62 49.49
C SER B 286 7.36 -7.78 48.51
N ILE B 287 8.39 -6.94 48.80
CA ILE B 287 9.52 -6.78 47.90
C ILE B 287 10.54 -7.88 48.10
N ARG B 288 10.59 -8.72 47.10
CA ARG B 288 11.46 -9.85 47.03
C ARG B 288 12.94 -9.45 46.95
N ASN B 289 13.19 -8.44 46.12
CA ASN B 289 14.52 -7.91 45.87
C ASN B 289 14.84 -6.68 46.68
N SER B 290 16.01 -6.70 47.30
CA SER B 290 16.51 -5.59 48.10
C SER B 290 18.00 -5.81 48.20
N LEU B 291 18.76 -4.95 47.53
CA LEU B 291 20.22 -5.09 47.49
C LEU B 291 21.01 -3.97 48.12
N GLN B 292 22.11 -4.32 48.77
CA GLN B 292 22.98 -3.31 49.38
C GLN B 292 23.87 -2.72 48.33
N GLY B 293 24.61 -1.68 48.71
CA GLY B 293 25.49 -1.02 47.78
C GLY B 293 25.44 0.47 48.01
N ARG B 294 26.40 1.19 47.42
CA ARG B 294 26.47 2.62 47.57
C ARG B 294 26.11 3.36 46.30
N VAL B 295 26.00 4.67 46.39
CA VAL B 295 25.65 5.47 45.23
C VAL B 295 26.91 5.73 44.41
N THR B 296 26.77 5.79 43.10
CA THR B 296 27.91 6.04 42.25
C THR B 296 27.89 7.46 41.75
N GLU B 297 26.84 7.83 41.02
CA GLU B 297 26.69 9.19 40.49
C GLU B 297 25.26 9.67 40.58
N ALA B 298 25.10 10.98 40.71
CA ALA B 298 23.77 11.57 40.83
C ALA B 298 23.49 12.55 39.71
N TRP B 299 22.70 12.12 38.74
CA TRP B 299 22.38 12.98 37.61
C TRP B 299 21.12 13.78 37.81
N VAL B 300 21.24 14.93 38.45
CA VAL B 300 20.09 15.78 38.67
C VAL B 300 19.50 16.09 37.31
N LEU B 301 18.25 15.71 37.09
CA LEU B 301 17.61 15.96 35.81
C LEU B 301 16.54 17.03 35.99
N GLY B 302 15.40 16.87 35.33
CA GLY B 302 14.33 17.84 35.44
C GLY B 302 13.66 17.82 36.80
N ALA B 303 12.60 17.03 36.93
CA ALA B 303 11.91 16.91 38.19
C ALA B 303 12.45 15.64 38.86
N LEU B 304 12.97 14.75 38.03
CA LEU B 304 13.53 13.49 38.48
C LEU B 304 15.05 13.58 38.65
N VAL B 305 15.63 12.56 39.27
CA VAL B 305 17.07 12.51 39.51
C VAL B 305 17.63 11.11 39.24
N ARG B 306 18.40 10.98 38.17
CA ARG B 306 18.99 9.70 37.86
C ARG B 306 20.06 9.39 38.88
N VAL B 307 20.25 8.12 39.17
CA VAL B 307 21.22 7.71 40.16
C VAL B 307 21.80 6.38 39.74
N LYS B 308 23.11 6.23 39.81
CA LYS B 308 23.75 4.97 39.48
C LYS B 308 24.17 4.39 40.83
N VAL B 309 23.75 3.18 41.12
CA VAL B 309 24.10 2.57 42.38
C VAL B 309 24.91 1.34 42.07
N ASP B 310 25.80 0.97 42.99
CA ASP B 310 26.64 -0.21 42.83
C ASP B 310 26.27 -1.22 43.90
N CYS B 311 25.50 -2.23 43.52
CA CYS B 311 25.06 -3.28 44.45
C CYS B 311 25.65 -4.60 43.98
N GLY B 312 26.91 -4.57 43.60
CA GLY B 312 27.54 -5.78 43.10
C GLY B 312 27.13 -5.83 41.65
N VAL B 313 26.03 -5.13 41.34
CA VAL B 313 25.49 -5.06 39.99
C VAL B 313 25.13 -3.62 39.67
N PRO B 314 25.67 -3.07 38.59
CA PRO B 314 25.33 -1.70 38.26
C PRO B 314 23.85 -1.55 38.02
N LEU B 315 23.22 -0.64 38.75
CA LEU B 315 21.80 -0.39 38.60
C LEU B 315 21.50 1.08 38.39
N ASN B 316 20.61 1.38 37.45
CA ASN B 316 20.21 2.74 37.15
C ASN B 316 18.87 3.00 37.82
N VAL B 317 18.88 3.82 38.84
CA VAL B 317 17.66 4.12 39.55
C VAL B 317 17.20 5.52 39.22
N LEU B 318 15.90 5.75 39.32
CA LEU B 318 15.34 7.05 39.01
C LEU B 318 14.56 7.56 40.23
N ILE B 319 14.73 8.82 40.58
CA ILE B 319 14.04 9.37 41.74
C ILE B 319 13.51 10.79 41.58
N THR B 320 12.45 11.10 42.32
CA THR B 320 11.87 12.43 42.28
C THR B 320 12.96 13.33 42.83
N ARG B 321 13.20 14.47 42.20
CA ARG B 321 14.24 15.37 42.67
C ARG B 321 14.15 15.68 44.15
N ARG B 322 12.92 15.82 44.65
CA ARG B 322 12.68 16.15 46.04
C ARG B 322 13.16 15.08 47.01
N SER B 323 12.92 13.81 46.68
CA SER B 323 13.36 12.74 47.57
C SER B 323 14.87 12.74 47.56
N ALA B 324 15.42 13.13 46.42
CA ALA B 324 16.85 13.17 46.26
C ALA B 324 17.49 14.18 47.19
N GLU B 325 16.71 15.13 47.69
CA GLU B 325 17.24 16.13 48.60
C GLU B 325 16.99 15.74 50.05
N GLU B 326 15.87 15.08 50.31
CA GLU B 326 15.53 14.63 51.66
C GLU B 326 16.53 13.54 52.04
N MET B 327 17.06 12.87 51.03
CA MET B 327 18.06 11.83 51.22
C MET B 327 19.40 12.46 50.86
N GLU B 328 20.42 11.65 50.63
CA GLU B 328 21.73 12.21 50.32
C GLU B 328 22.24 11.91 48.92
N LEU B 329 22.62 12.97 48.23
CA LEU B 329 23.15 12.88 46.88
C LEU B 329 24.61 12.44 46.99
N SER B 330 25.12 12.37 48.22
CA SER B 330 26.50 11.99 48.44
C SER B 330 26.93 10.75 47.66
N PRO B 331 27.84 10.91 46.70
CA PRO B 331 28.34 9.82 45.88
C PRO B 331 29.14 8.82 46.72
N GLY B 332 28.44 7.96 47.42
CA GLY B 332 29.11 6.98 48.23
C GLY B 332 28.28 6.59 49.44
N VAL B 333 27.07 7.13 49.54
CA VAL B 333 26.22 6.81 50.69
C VAL B 333 25.79 5.35 50.66
N GLN B 334 25.79 4.70 51.81
CA GLN B 334 25.37 3.29 51.86
C GLN B 334 23.93 3.32 51.39
N ILE B 335 23.52 2.30 50.66
CA ILE B 335 22.18 2.29 50.13
C ILE B 335 21.57 0.93 49.92
N TYR B 336 20.25 0.91 49.91
CA TYR B 336 19.48 -0.30 49.69
C TYR B 336 18.62 -0.11 48.45
N ALA B 337 18.98 -0.79 47.37
CA ALA B 337 18.23 -0.72 46.12
C ALA B 337 17.17 -1.81 46.19
N ARG B 338 15.93 -1.42 46.36
CA ARG B 338 14.87 -2.41 46.43
C ARG B 338 13.86 -2.23 45.29
N PHE B 339 13.63 -3.32 44.57
CA PHE B 339 12.71 -3.29 43.48
C PHE B 339 11.84 -4.51 43.54
N LYS B 340 10.59 -4.28 43.20
CA LYS B 340 9.55 -5.29 43.19
C LYS B 340 9.89 -6.40 42.20
N ALA B 341 9.63 -7.64 42.60
CA ALA B 341 9.94 -8.80 41.77
C ALA B 341 9.09 -8.97 40.51
N SER B 342 7.81 -8.62 40.65
CA SER B 342 6.85 -8.74 39.56
C SER B 342 7.03 -7.64 38.52
N SER B 343 8.05 -6.81 38.69
CA SER B 343 8.30 -5.74 37.75
C SER B 343 9.60 -6.02 37.03
N VAL B 344 10.10 -7.23 37.22
CA VAL B 344 11.32 -7.64 36.56
C VAL B 344 10.89 -8.59 35.47
N HIS B 345 11.00 -8.15 34.22
CA HIS B 345 10.62 -8.95 33.06
C HIS B 345 11.82 -9.79 32.65
N VAL B 346 11.63 -11.09 32.50
CA VAL B 346 12.75 -11.96 32.13
C VAL B 346 12.60 -12.59 30.74
N LEU B 347 13.67 -12.54 29.95
CA LEU B 347 13.67 -13.09 28.60
C LEU B 347 14.77 -14.12 28.38
N ARG B 348 14.60 -14.99 27.40
CA ARG B 348 15.62 -16.00 27.08
C ARG B 348 15.88 -16.10 25.58
N PRO C 36 25.50 -9.75 -19.05
CA PRO C 36 24.94 -11.10 -19.37
C PRO C 36 23.54 -10.99 -19.98
N LEU C 37 22.52 -11.33 -19.19
CA LEU C 37 21.14 -11.25 -19.65
C LEU C 37 20.75 -9.83 -19.96
N THR C 38 21.14 -8.92 -19.09
CA THR C 38 20.84 -7.51 -19.26
C THR C 38 21.20 -7.07 -20.66
N PHE C 39 22.35 -7.53 -21.15
CA PHE C 39 22.79 -7.14 -22.48
C PHE C 39 21.83 -7.56 -23.58
N VAL C 40 21.68 -8.88 -23.78
CA VAL C 40 20.79 -9.40 -24.81
C VAL C 40 19.47 -8.60 -24.81
N PHE C 41 18.80 -8.61 -23.66
CA PHE C 41 17.55 -7.89 -23.47
C PHE C 41 17.65 -6.46 -23.92
N SER C 42 18.70 -5.76 -23.50
CA SER C 42 18.89 -4.37 -23.88
C SER C 42 19.08 -4.19 -25.38
N PHE C 43 19.67 -5.18 -26.04
CA PHE C 43 19.89 -5.10 -27.49
C PHE C 43 18.53 -5.17 -28.18
N LEU C 44 17.78 -6.22 -27.86
CA LEU C 44 16.46 -6.44 -28.43
C LEU C 44 15.61 -5.19 -28.26
N LEU C 45 15.70 -4.58 -27.08
CA LEU C 45 14.96 -3.36 -26.81
C LEU C 45 15.43 -2.26 -27.76
N LEU C 46 16.71 -1.96 -27.76
CA LEU C 46 17.22 -0.92 -28.65
C LEU C 46 16.60 -1.16 -30.01
N VAL C 47 16.49 -2.44 -30.39
CA VAL C 47 15.87 -2.80 -31.66
C VAL C 47 14.49 -2.17 -31.75
N LEU C 48 13.53 -2.73 -31.00
CA LEU C 48 12.18 -2.18 -31.01
C LEU C 48 12.20 -0.67 -31.13
N PHE C 49 12.95 -0.01 -30.27
CA PHE C 49 13.00 1.44 -30.28
C PHE C 49 13.27 1.98 -31.67
N LEU C 50 14.36 1.52 -32.27
CA LEU C 50 14.73 1.95 -33.60
C LEU C 50 13.61 1.61 -34.58
N PHE C 51 13.14 0.35 -34.50
CA PHE C 51 12.06 -0.16 -35.35
C PHE C 51 10.93 0.82 -35.54
N ILE C 52 10.44 1.33 -34.42
CA ILE C 52 9.35 2.29 -34.43
C ILE C 52 9.88 3.67 -34.80
N PHE C 53 10.90 4.11 -34.04
CA PHE C 53 11.50 5.41 -34.24
C PHE C 53 12.00 5.63 -35.66
N LEU C 54 12.82 4.71 -36.15
CA LEU C 54 13.34 4.85 -37.50
C LEU C 54 12.22 4.91 -38.54
N THR C 55 11.24 4.02 -38.41
CA THR C 55 10.13 3.99 -39.36
C THR C 55 9.44 5.33 -39.47
N LEU C 56 8.91 5.85 -38.37
CA LEU C 56 8.24 7.15 -38.42
C LEU C 56 9.21 8.29 -38.72
N SER C 57 10.48 8.11 -38.39
CA SER C 57 11.47 9.13 -38.67
C SER C 57 11.72 9.11 -40.16
N ASN C 58 12.30 8.00 -40.61
CA ASN C 58 12.60 7.77 -42.00
C ASN C 58 11.56 8.40 -42.91
N MET C 59 10.31 8.01 -42.71
CA MET C 59 9.22 8.55 -43.51
C MET C 59 9.26 10.07 -43.62
N ILE C 60 9.59 10.76 -42.53
CA ILE C 60 9.66 12.22 -42.57
C ILE C 60 10.93 12.64 -43.26
N PHE C 61 11.99 11.88 -43.02
CA PHE C 61 13.28 12.14 -43.62
C PHE C 61 13.08 12.30 -45.12
N GLU C 62 12.58 11.24 -45.76
CA GLU C 62 12.30 11.24 -47.19
C GLU C 62 11.72 12.58 -47.61
N GLN C 63 10.51 12.85 -47.13
CA GLN C 63 9.80 14.07 -47.46
C GLN C 63 10.62 15.36 -47.35
N ILE C 64 11.24 15.57 -46.19
CA ILE C 64 12.05 16.77 -45.99
C ILE C 64 13.42 16.63 -46.65
N THR C 65 13.53 15.63 -47.53
CA THR C 65 14.78 15.37 -48.24
C THR C 65 14.55 15.41 -49.76
N GLU C 66 14.02 14.26 -50.29
CA GLU C 66 13.89 14.27 -51.76
C GLU C 66 12.85 15.20 -52.38
N ASP C 67 11.83 15.64 -51.62
CA ASP C 67 10.81 16.54 -52.21
C ASP C 67 10.20 17.51 -51.17
N PHE C 68 11.00 18.17 -50.41
CA PHE C 68 10.47 19.09 -49.39
C PHE C 68 9.27 19.87 -49.92
N SER C 69 9.36 20.30 -51.17
CA SER C 69 8.30 21.08 -51.83
C SER C 69 6.94 20.40 -51.77
N GLY C 70 6.94 19.08 -51.93
CA GLY C 70 5.70 18.32 -51.89
C GLY C 70 4.84 18.75 -50.72
N LEU C 71 5.47 18.94 -49.56
CA LEU C 71 4.78 19.37 -48.36
C LEU C 71 4.17 20.74 -48.61
N VAL C 72 5.01 21.66 -49.05
CA VAL C 72 4.57 23.02 -49.34
C VAL C 72 3.33 23.00 -50.22
N LYS C 73 3.25 22.02 -51.12
CA LYS C 73 2.10 21.87 -52.01
C LYS C 73 0.90 21.37 -51.21
N ALA C 74 1.11 20.27 -50.49
CA ALA C 74 0.06 19.70 -49.67
C ALA C 74 -0.54 20.79 -48.78
N ALA C 75 0.33 21.53 -48.10
CA ALA C 75 -0.08 22.60 -47.19
C ALA C 75 -1.20 23.51 -47.74
N GLY C 76 -1.17 23.79 -49.04
CA GLY C 76 -2.19 24.64 -49.62
C GLY C 76 -3.33 23.85 -50.23
N ASN C 77 -3.01 22.64 -50.67
CA ASN C 77 -3.98 21.73 -51.30
C ASN C 77 -5.24 21.61 -50.43
N ARG C 78 -6.38 22.11 -50.93
CA ARG C 78 -7.63 22.00 -50.17
C ARG C 78 -7.99 20.56 -49.84
N SER C 79 -7.84 19.67 -50.82
CA SER C 79 -8.15 18.26 -50.60
C SER C 79 -7.53 17.82 -49.28
N VAL C 80 -6.30 18.25 -49.03
CA VAL C 80 -5.59 17.90 -47.80
C VAL C 80 -6.12 18.64 -46.59
N ILE C 81 -6.08 19.97 -46.62
CA ILE C 81 -6.57 20.72 -45.49
C ILE C 81 -7.98 20.30 -45.10
N SER C 82 -8.84 20.05 -46.09
CA SER C 82 -10.20 19.65 -45.79
C SER C 82 -10.24 18.28 -45.12
N SER C 83 -9.28 17.43 -45.45
CA SER C 83 -9.22 16.09 -44.88
C SER C 83 -8.70 16.10 -43.46
N ILE C 84 -7.91 17.10 -43.12
CA ILE C 84 -7.35 17.19 -41.78
C ILE C 84 -8.39 17.85 -40.88
N PHE C 85 -8.76 19.08 -41.22
CA PHE C 85 -9.73 19.81 -40.45
C PHE C 85 -10.95 18.92 -40.21
N LEU C 86 -11.19 18.02 -41.15
CA LEU C 86 -12.32 17.12 -41.01
C LEU C 86 -12.03 16.16 -39.87
N SER C 87 -10.87 15.49 -39.93
CA SER C 87 -10.46 14.56 -38.89
C SER C 87 -10.53 15.21 -37.51
N LEU C 88 -9.82 16.32 -37.34
CA LEU C 88 -9.83 17.00 -36.07
C LEU C 88 -11.27 17.29 -35.67
N TYR C 89 -12.08 17.70 -36.64
CA TYR C 89 -13.46 18.02 -36.36
C TYR C 89 -14.29 16.81 -35.94
N ALA C 90 -14.42 15.84 -36.84
CA ALA C 90 -15.17 14.63 -36.52
C ALA C 90 -14.72 14.17 -35.15
N GLY C 91 -13.42 14.10 -34.98
CA GLY C 91 -12.84 13.67 -33.71
C GLY C 91 -13.31 14.48 -32.52
N PHE C 92 -13.07 15.79 -32.53
CA PHE C 92 -13.48 16.62 -31.41
C PHE C 92 -14.90 16.23 -30.99
N LEU C 93 -15.75 15.95 -31.98
CA LEU C 93 -17.13 15.57 -31.71
C LEU C 93 -17.25 14.22 -31.02
N ALA C 94 -16.72 13.18 -31.65
CA ALA C 94 -16.77 11.85 -31.09
C ALA C 94 -16.28 11.89 -29.64
N THR C 95 -15.36 12.81 -29.36
CA THR C 95 -14.84 12.91 -28.02
C THR C 95 -15.89 13.49 -27.08
N LEU C 96 -16.61 14.51 -27.53
CA LEU C 96 -17.63 15.07 -26.67
C LEU C 96 -18.71 14.04 -26.38
N LEU C 97 -18.83 13.01 -27.22
CA LEU C 97 -19.80 11.97 -26.97
C LEU C 97 -19.15 11.03 -25.97
N ALA C 98 -17.90 10.69 -26.23
CA ALA C 98 -17.15 9.82 -25.34
C ALA C 98 -17.21 10.45 -23.93
N LEU C 99 -16.87 11.74 -23.84
CA LEU C 99 -16.91 12.44 -22.57
C LEU C 99 -18.26 12.23 -21.92
N LEU C 100 -19.31 12.48 -22.70
CA LEU C 100 -20.69 12.37 -22.26
C LEU C 100 -21.15 10.96 -21.92
N LEU C 101 -20.39 9.94 -22.30
CA LEU C 101 -20.79 8.58 -22.01
C LEU C 101 -19.73 7.80 -21.24
N GLY C 102 -18.49 7.93 -21.68
CA GLY C 102 -17.41 7.22 -21.02
C GLY C 102 -17.24 7.69 -19.60
N ALA C 103 -17.31 9.01 -19.39
CA ALA C 103 -17.14 9.59 -18.07
C ALA C 103 -18.04 8.92 -17.05
N PRO C 104 -19.37 9.02 -17.22
CA PRO C 104 -20.26 8.38 -16.26
C PRO C 104 -20.08 6.86 -16.17
N THR C 105 -19.74 6.22 -17.28
CA THR C 105 -19.51 4.78 -17.29
C THR C 105 -18.33 4.46 -16.39
N GLY C 106 -17.46 5.45 -16.21
CA GLY C 106 -16.31 5.29 -15.36
C GLY C 106 -16.74 5.47 -13.93
N TYR C 107 -17.44 6.57 -13.65
CA TYR C 107 -17.91 6.84 -12.29
C TYR C 107 -18.73 5.66 -11.81
N ILE C 108 -19.53 5.11 -12.70
CA ILE C 108 -20.32 3.97 -12.32
C ILE C 108 -19.36 2.84 -12.00
N LEU C 109 -18.66 2.35 -13.02
CA LEU C 109 -17.71 1.25 -12.85
C LEU C 109 -16.71 1.34 -11.71
N ALA C 110 -16.43 2.55 -11.23
CA ALA C 110 -15.46 2.73 -10.16
C ALA C 110 -16.06 2.82 -8.75
N ARG C 111 -17.38 2.77 -8.65
CA ARG C 111 -18.02 2.87 -7.35
C ARG C 111 -18.94 1.70 -7.08
N PHE C 112 -19.56 1.18 -8.13
CA PHE C 112 -20.51 0.09 -7.92
C PHE C 112 -20.08 -1.30 -8.33
N ASP C 113 -20.86 -2.28 -7.88
CA ASP C 113 -20.63 -3.69 -8.16
C ASP C 113 -21.97 -4.37 -8.36
N PHE C 114 -22.33 -4.63 -9.61
CA PHE C 114 -23.59 -5.29 -9.93
C PHE C 114 -23.32 -6.69 -10.50
N PRO C 115 -24.35 -7.39 -10.99
CA PRO C 115 -24.15 -8.75 -11.54
C PRO C 115 -23.39 -8.83 -12.86
N GLY C 116 -23.69 -7.92 -13.77
CA GLY C 116 -23.03 -7.92 -15.06
C GLY C 116 -21.82 -7.03 -15.19
N LYS C 117 -21.16 -6.70 -14.08
CA LYS C 117 -19.98 -5.85 -14.16
C LYS C 117 -18.97 -6.48 -15.11
N ARG C 118 -18.81 -7.79 -15.03
CA ARG C 118 -17.86 -8.47 -15.90
C ARG C 118 -18.21 -8.23 -17.37
N LEU C 119 -19.43 -8.58 -17.76
CA LEU C 119 -19.88 -8.39 -19.13
C LEU C 119 -19.75 -6.92 -19.55
N VAL C 120 -20.55 -6.05 -18.95
CA VAL C 120 -20.54 -4.62 -19.26
C VAL C 120 -19.12 -4.10 -19.36
N GLU C 121 -18.25 -4.67 -18.54
CA GLU C 121 -16.85 -4.26 -18.48
C GLU C 121 -16.06 -4.74 -19.68
N SER C 122 -16.48 -5.85 -20.26
CA SER C 122 -15.80 -6.41 -21.42
C SER C 122 -16.29 -5.77 -22.72
N ILE C 123 -17.59 -5.57 -22.85
CA ILE C 123 -18.11 -4.97 -24.05
C ILE C 123 -17.37 -3.64 -24.28
N ILE C 124 -17.18 -2.88 -23.20
CA ILE C 124 -16.48 -1.61 -23.27
C ILE C 124 -15.05 -1.80 -23.74
N ASP C 125 -14.45 -2.90 -23.31
CA ASP C 125 -13.06 -3.23 -23.65
C ASP C 125 -12.93 -3.67 -25.13
N VAL C 126 -13.84 -4.53 -25.57
CA VAL C 126 -13.83 -5.12 -26.92
C VAL C 126 -13.40 -4.29 -28.14
N PRO C 127 -14.09 -3.19 -28.42
CA PRO C 127 -13.79 -2.33 -29.57
C PRO C 127 -12.34 -2.13 -30.01
N VAL C 128 -11.38 -2.71 -29.31
CA VAL C 128 -9.99 -2.55 -29.71
C VAL C 128 -9.48 -3.86 -30.29
N VAL C 129 -10.40 -4.80 -30.51
CA VAL C 129 -10.01 -6.08 -31.07
C VAL C 129 -10.94 -6.45 -32.22
N VAL C 130 -11.97 -5.62 -32.40
CA VAL C 130 -12.91 -5.83 -33.49
C VAL C 130 -12.18 -5.29 -34.71
N PRO C 131 -11.65 -6.17 -35.55
CA PRO C 131 -10.94 -5.72 -36.74
C PRO C 131 -11.61 -4.50 -37.36
N HIS C 132 -10.81 -3.48 -37.66
CA HIS C 132 -11.29 -2.22 -38.22
C HIS C 132 -12.43 -2.36 -39.23
N THR C 133 -12.18 -3.13 -40.27
CA THR C 133 -13.15 -3.41 -41.32
C THR C 133 -14.48 -3.83 -40.70
N VAL C 134 -14.43 -4.96 -40.01
CA VAL C 134 -15.57 -5.56 -39.32
C VAL C 134 -16.45 -4.51 -38.65
N ALA C 135 -15.79 -3.63 -37.89
CA ALA C 135 -16.46 -2.57 -37.16
C ALA C 135 -17.22 -1.66 -38.13
N GLY C 136 -16.65 -1.48 -39.32
CA GLY C 136 -17.29 -0.65 -40.30
C GLY C 136 -18.55 -1.36 -40.75
N ILE C 137 -18.37 -2.57 -41.24
CA ILE C 137 -19.51 -3.37 -41.69
C ILE C 137 -20.57 -3.32 -40.59
N ALA C 138 -20.25 -3.88 -39.44
CA ALA C 138 -21.16 -3.90 -38.32
C ALA C 138 -21.86 -2.55 -38.13
N LEU C 139 -21.08 -1.48 -38.02
CA LEU C 139 -21.66 -0.15 -37.86
C LEU C 139 -22.67 0.20 -38.95
N LEU C 140 -22.31 -0.11 -40.19
CA LEU C 140 -23.16 0.13 -41.36
C LEU C 140 -24.53 -0.52 -41.14
N THR C 141 -24.49 -1.75 -40.66
CA THR C 141 -25.67 -2.55 -40.38
C THR C 141 -26.64 -1.81 -39.49
N VAL C 142 -26.20 -0.76 -38.82
CA VAL C 142 -27.07 -0.04 -37.91
C VAL C 142 -27.36 1.38 -38.32
N PHE C 143 -26.33 2.08 -38.77
CA PHE C 143 -26.51 3.44 -39.16
C PHE C 143 -26.61 3.59 -40.66
N GLY C 144 -26.55 2.45 -41.35
CA GLY C 144 -26.65 2.46 -42.79
C GLY C 144 -28.09 2.71 -43.17
N SER C 145 -28.30 3.33 -44.32
CA SER C 145 -29.65 3.65 -44.81
C SER C 145 -30.65 2.49 -44.67
N ARG C 146 -30.13 1.27 -44.56
CA ARG C 146 -30.98 0.09 -44.44
C ARG C 146 -30.77 -0.65 -43.11
N GLY C 147 -30.27 0.06 -42.10
CA GLY C 147 -30.02 -0.55 -40.81
C GLY C 147 -30.96 -0.18 -39.68
N LEU C 148 -30.81 -0.88 -38.56
CA LEU C 148 -31.63 -0.65 -37.38
C LEU C 148 -32.01 0.80 -37.12
N ILE C 149 -31.02 1.63 -36.85
CA ILE C 149 -31.26 3.04 -36.54
C ILE C 149 -31.22 3.96 -37.73
N GLY C 150 -30.50 3.57 -38.77
CA GLY C 150 -30.41 4.40 -39.96
C GLY C 150 -31.65 4.42 -40.81
N GLU C 151 -32.32 3.27 -40.92
CA GLU C 151 -33.53 3.16 -41.71
C GLU C 151 -34.64 4.08 -41.17
N PRO C 152 -35.06 3.89 -39.91
CA PRO C 152 -36.10 4.72 -39.32
C PRO C 152 -35.77 6.19 -39.10
N LEU C 153 -34.56 6.61 -39.48
CA LEU C 153 -34.19 8.00 -39.29
C LEU C 153 -33.72 8.69 -40.56
N GLU C 154 -34.34 8.37 -41.68
CA GLU C 154 -33.99 8.95 -42.97
C GLU C 154 -34.33 10.44 -43.07
N SER C 155 -35.44 10.81 -42.44
CA SER C 155 -35.92 12.18 -42.46
C SER C 155 -35.12 13.16 -41.58
N TYR C 156 -34.74 12.74 -40.38
CA TYR C 156 -33.98 13.63 -39.51
C TYR C 156 -32.50 13.75 -39.92
N ILE C 157 -31.75 12.64 -39.86
CA ILE C 157 -30.32 12.64 -40.20
C ILE C 157 -29.86 11.46 -41.06
N GLN C 158 -28.93 11.72 -41.97
CA GLN C 158 -28.38 10.68 -42.83
C GLN C 158 -27.02 10.35 -42.26
N PHE C 159 -26.61 9.09 -42.33
CA PHE C 159 -25.32 8.69 -41.77
C PHE C 159 -24.25 8.35 -42.79
N ARG C 160 -24.55 7.40 -43.69
CA ARG C 160 -23.60 6.93 -44.68
C ARG C 160 -23.08 8.03 -45.59
N ASP C 161 -21.77 8.05 -45.73
CA ASP C 161 -21.02 9.05 -46.57
C ASP C 161 -21.21 10.48 -46.07
N ALA C 162 -21.64 10.58 -44.85
CA ALA C 162 -21.84 11.91 -44.25
C ALA C 162 -21.00 12.08 -43.00
N LEU C 163 -21.01 13.30 -42.44
CA LEU C 163 -20.25 13.57 -41.24
C LEU C 163 -20.62 12.68 -40.06
N PRO C 164 -21.91 12.70 -39.65
CA PRO C 164 -22.38 11.88 -38.53
C PRO C 164 -22.04 10.42 -38.69
N GLY C 165 -21.77 10.01 -39.93
CA GLY C 165 -21.39 8.63 -40.19
C GLY C 165 -19.99 8.39 -39.67
N ILE C 166 -19.07 9.33 -39.98
CA ILE C 166 -17.69 9.20 -39.54
C ILE C 166 -17.61 9.43 -38.04
N VAL C 167 -18.45 10.32 -37.53
CA VAL C 167 -18.46 10.60 -36.10
C VAL C 167 -18.76 9.31 -35.34
N VAL C 168 -19.88 8.68 -35.66
CA VAL C 168 -20.27 7.44 -35.01
C VAL C 168 -19.19 6.37 -35.13
N ALA C 169 -18.54 6.31 -36.29
CA ALA C 169 -17.49 5.34 -36.53
C ALA C 169 -16.40 5.59 -35.51
N MET C 170 -15.84 6.79 -35.50
CA MET C 170 -14.80 7.15 -34.55
C MET C 170 -15.16 6.76 -33.12
N LEU C 171 -16.29 7.28 -32.64
CA LEU C 171 -16.76 6.97 -31.30
C LEU C 171 -16.63 5.48 -30.96
N PHE C 172 -17.19 4.63 -31.78
CA PHE C 172 -17.14 3.19 -31.54
C PHE C 172 -15.73 2.67 -31.34
N VAL C 173 -14.75 3.35 -31.90
CA VAL C 173 -13.38 2.89 -31.80
C VAL C 173 -12.51 3.59 -30.76
N SER C 174 -12.86 4.82 -30.42
CA SER C 174 -12.08 5.58 -29.46
C SER C 174 -12.70 5.73 -28.09
N MET C 175 -14.01 5.52 -28.00
CA MET C 175 -14.73 5.64 -26.73
C MET C 175 -14.07 4.88 -25.58
N PRO C 176 -13.71 3.61 -25.79
CA PRO C 176 -13.08 2.89 -24.68
C PRO C 176 -12.00 3.69 -23.94
N TYR C 177 -11.14 4.35 -24.67
CA TYR C 177 -10.09 5.13 -24.03
C TYR C 177 -10.59 6.14 -22.99
N LEU C 178 -11.52 7.00 -23.36
CA LEU C 178 -12.00 7.96 -22.40
C LEU C 178 -12.75 7.28 -21.28
N ALA C 179 -13.22 6.06 -21.50
CA ALA C 179 -13.93 5.36 -20.43
C ALA C 179 -12.89 4.88 -19.42
N ASN C 180 -12.14 3.83 -19.77
CA ASN C 180 -11.13 3.30 -18.88
C ASN C 180 -10.33 4.41 -18.20
N SER C 181 -10.06 5.49 -18.93
CA SER C 181 -9.29 6.59 -18.35
C SER C 181 -10.11 7.38 -17.32
N ALA C 182 -11.40 7.52 -17.54
CA ALA C 182 -12.24 8.25 -16.60
C ALA C 182 -12.63 7.36 -15.43
N ARG C 183 -12.42 6.06 -15.59
CA ARG C 183 -12.73 5.17 -14.50
C ARG C 183 -11.59 5.36 -13.52
N GLU C 184 -10.38 5.04 -13.96
CA GLU C 184 -9.21 5.19 -13.11
C GLU C 184 -9.16 6.59 -12.52
N GLY C 185 -9.75 7.55 -13.21
CA GLY C 185 -9.75 8.91 -12.68
C GLY C 185 -10.57 8.94 -11.41
N PHE C 186 -11.83 8.54 -11.52
CA PHE C 186 -12.76 8.50 -10.40
C PHE C 186 -12.30 7.53 -9.34
N LYS C 187 -11.72 6.41 -9.75
CA LYS C 187 -11.23 5.41 -8.82
C LYS C 187 -10.20 6.09 -7.92
N SER C 188 -9.40 6.97 -8.53
CA SER C 188 -8.35 7.74 -7.85
C SER C 188 -8.86 8.51 -6.66
N VAL C 189 -9.94 9.26 -6.86
CA VAL C 189 -10.56 10.03 -5.81
C VAL C 189 -11.30 9.02 -4.94
N ASP C 190 -10.88 8.87 -3.68
CA ASP C 190 -11.50 7.88 -2.81
C ASP C 190 -12.85 8.36 -2.31
N PRO C 191 -13.75 7.40 -2.04
CA PRO C 191 -15.12 7.61 -1.55
C PRO C 191 -15.27 8.64 -0.44
N ARG C 192 -14.61 8.40 0.68
CA ARG C 192 -14.70 9.28 1.84
C ARG C 192 -14.90 10.76 1.52
N LEU C 193 -14.17 11.28 0.55
CA LEU C 193 -14.33 12.67 0.20
C LEU C 193 -15.77 12.94 -0.23
N GLU C 194 -16.36 12.02 -0.99
CA GLU C 194 -17.73 12.22 -1.44
C GLU C 194 -18.61 12.15 -0.20
N ASN C 195 -18.38 11.15 0.65
CA ASN C 195 -19.16 11.00 1.87
C ASN C 195 -18.99 12.20 2.77
N ALA C 196 -17.78 12.72 2.82
CA ALA C 196 -17.51 13.88 3.65
C ALA C 196 -18.35 15.06 3.21
N ALA C 197 -18.38 15.29 1.90
CA ALA C 197 -19.12 16.40 1.35
C ALA C 197 -20.60 16.17 1.63
N ARG C 198 -21.05 14.94 1.40
CA ARG C 198 -22.45 14.58 1.64
C ARG C 198 -22.93 15.02 3.03
N SER C 199 -22.24 14.55 4.07
CA SER C 199 -22.59 14.87 5.44
C SER C 199 -22.47 16.34 5.76
N LEU C 200 -21.77 17.10 4.92
CA LEU C 200 -21.64 18.53 5.16
C LEU C 200 -22.83 19.21 4.54
N GLY C 201 -23.69 18.43 3.90
CA GLY C 201 -24.90 18.95 3.28
C GLY C 201 -24.94 19.02 1.76
N ALA C 202 -24.10 18.25 1.08
CA ALA C 202 -24.08 18.29 -0.37
C ALA C 202 -24.67 17.05 -1.04
N PRO C 203 -25.63 17.25 -1.95
CA PRO C 203 -26.32 16.18 -2.69
C PRO C 203 -25.28 15.49 -3.56
N LEU C 204 -25.55 14.26 -3.96
CA LEU C 204 -24.57 13.53 -4.74
C LEU C 204 -23.95 14.29 -5.92
N TRP C 205 -24.77 14.91 -6.75
CA TRP C 205 -24.20 15.63 -7.87
C TRP C 205 -23.37 16.82 -7.42
N LYS C 206 -23.81 17.57 -6.42
CA LYS C 206 -23.00 18.69 -5.95
C LYS C 206 -21.66 18.15 -5.50
N ALA C 207 -21.69 16.96 -4.91
CA ALA C 207 -20.49 16.28 -4.44
C ALA C 207 -19.59 15.96 -5.65
N PHE C 208 -20.19 15.24 -6.59
CA PHE C 208 -19.52 14.85 -7.82
C PHE C 208 -19.02 16.09 -8.57
N PHE C 209 -19.83 17.14 -8.63
CA PHE C 209 -19.43 18.34 -9.33
C PHE C 209 -18.34 19.15 -8.63
N PHE C 210 -18.53 19.49 -7.37
CA PHE C 210 -17.52 20.29 -6.68
C PHE C 210 -16.30 19.54 -6.19
N VAL C 211 -16.42 18.24 -5.99
CA VAL C 211 -15.27 17.49 -5.52
C VAL C 211 -14.77 16.43 -6.49
N THR C 212 -15.47 15.30 -6.53
CA THR C 212 -15.07 14.20 -7.38
C THR C 212 -14.52 14.68 -8.71
N LEU C 213 -15.35 15.34 -9.51
CA LEU C 213 -14.94 15.82 -10.83
C LEU C 213 -13.61 16.59 -10.83
N PRO C 214 -13.60 17.83 -10.31
CA PRO C 214 -12.37 18.63 -10.29
C PRO C 214 -11.10 17.86 -9.91
N LEU C 215 -11.23 16.88 -9.02
CA LEU C 215 -10.09 16.08 -8.59
C LEU C 215 -9.70 15.01 -9.59
N SER C 216 -10.63 14.60 -10.42
CA SER C 216 -10.34 13.57 -11.41
C SER C 216 -10.00 14.20 -12.75
N ALA C 217 -10.10 15.52 -12.82
CA ALA C 217 -9.81 16.24 -14.05
C ALA C 217 -8.58 15.72 -14.78
N ARG C 218 -7.41 15.82 -14.18
CA ARG C 218 -6.19 15.37 -14.84
C ARG C 218 -6.39 14.06 -15.58
N TYR C 219 -7.22 13.16 -15.07
CA TYR C 219 -7.45 11.90 -15.77
C TYR C 219 -8.39 12.07 -16.96
N LEU C 220 -9.49 12.80 -16.76
CA LEU C 220 -10.45 13.03 -17.83
C LEU C 220 -9.80 13.76 -19.00
N LEU C 221 -8.97 14.74 -18.69
CA LEU C 221 -8.30 15.50 -19.73
C LEU C 221 -7.45 14.60 -20.61
N ILE C 222 -6.60 13.80 -19.99
CA ILE C 222 -5.75 12.90 -20.74
C ILE C 222 -6.62 11.96 -21.58
N GLY C 223 -7.54 11.29 -20.92
CA GLY C 223 -8.41 10.36 -21.63
C GLY C 223 -9.15 10.94 -22.83
N SER C 224 -9.60 12.18 -22.71
CA SER C 224 -10.32 12.80 -23.79
C SER C 224 -9.37 12.91 -24.95
N VAL C 225 -8.21 13.49 -24.70
CA VAL C 225 -7.20 13.66 -25.74
C VAL C 225 -6.71 12.33 -26.32
N MET C 226 -6.56 11.31 -25.48
CA MET C 226 -6.15 10.00 -25.97
C MET C 226 -7.26 9.57 -26.94
N THR C 227 -8.50 9.81 -26.56
CA THR C 227 -9.65 9.45 -27.40
C THR C 227 -9.53 10.17 -28.74
N TRP C 228 -9.53 11.49 -28.67
CA TRP C 228 -9.44 12.33 -29.84
C TRP C 228 -8.40 11.80 -30.83
N ALA C 229 -7.32 11.25 -30.30
CA ALA C 229 -6.27 10.75 -31.16
C ALA C 229 -6.52 9.36 -31.68
N ARG C 230 -7.33 8.57 -30.99
CA ARG C 230 -7.61 7.23 -31.49
C ARG C 230 -8.63 7.38 -32.57
N ALA C 231 -9.34 8.51 -32.51
CA ALA C 231 -10.36 8.81 -33.48
C ALA C 231 -9.70 9.31 -34.76
N ILE C 232 -9.00 10.42 -34.64
CA ILE C 232 -8.31 11.03 -35.76
C ILE C 232 -7.63 10.00 -36.63
N SER C 233 -7.07 9.00 -35.99
CA SER C 233 -6.35 7.98 -36.70
C SER C 233 -7.11 6.75 -37.15
N GLU C 234 -8.45 6.77 -37.07
CA GLU C 234 -9.22 5.61 -37.49
C GLU C 234 -9.51 5.60 -38.98
N PHE C 235 -9.19 4.48 -39.62
CA PHE C 235 -9.38 4.27 -41.06
C PHE C 235 -10.45 3.20 -41.37
N GLY C 236 -10.00 1.96 -41.51
CA GLY C 236 -10.91 0.86 -41.80
C GLY C 236 -12.33 1.05 -41.30
N ALA C 237 -12.49 1.26 -40.00
CA ALA C 237 -13.81 1.43 -39.42
C ALA C 237 -14.64 2.49 -40.14
N VAL C 238 -14.05 3.64 -40.39
CA VAL C 238 -14.78 4.71 -41.06
C VAL C 238 -15.01 4.50 -42.56
N VAL C 239 -13.97 4.13 -43.28
CA VAL C 239 -14.11 3.90 -44.70
C VAL C 239 -15.43 3.21 -45.08
N ILE C 240 -15.68 2.01 -44.53
CA ILE C 240 -16.89 1.28 -44.84
C ILE C 240 -18.18 2.07 -44.66
N LEU C 241 -18.32 2.76 -43.54
CA LEU C 241 -19.54 3.51 -43.37
C LEU C 241 -19.56 4.81 -44.18
N ALA C 242 -18.53 5.64 -44.06
CA ALA C 242 -18.52 6.89 -44.81
C ALA C 242 -17.17 7.27 -45.40
N TYR C 243 -16.73 6.43 -46.33
CA TYR C 243 -15.48 6.64 -47.01
C TYR C 243 -15.36 8.05 -47.57
N TYR C 244 -16.46 8.62 -48.06
CA TYR C 244 -16.27 9.88 -48.71
C TYR C 244 -16.09 11.26 -48.15
N PRO C 245 -16.58 11.57 -46.96
CA PRO C 245 -16.11 12.95 -46.88
C PRO C 245 -14.59 13.00 -46.72
N MET C 246 -13.95 11.91 -47.15
CA MET C 246 -12.50 11.74 -47.15
C MET C 246 -11.82 12.26 -45.88
N VAL C 247 -11.63 11.36 -44.93
CA VAL C 247 -10.98 11.71 -43.67
C VAL C 247 -9.47 11.55 -43.84
N GLY C 248 -8.71 12.50 -43.33
CA GLY C 248 -7.26 12.44 -43.42
C GLY C 248 -6.68 11.08 -43.79
N PRO C 249 -6.71 10.10 -42.88
CA PRO C 249 -6.17 8.77 -43.15
C PRO C 249 -6.67 8.07 -44.42
N THR C 250 -7.93 8.28 -44.79
CA THR C 250 -8.47 7.67 -46.01
C THR C 250 -7.79 8.32 -47.19
N LEU C 251 -7.82 9.65 -47.20
CA LEU C 251 -7.21 10.42 -48.27
C LEU C 251 -5.86 9.86 -48.66
N ILE C 252 -4.99 9.72 -47.67
CA ILE C 252 -3.66 9.20 -47.88
C ILE C 252 -3.71 7.87 -48.65
N TYR C 253 -4.71 7.05 -48.39
CA TYR C 253 -4.85 5.77 -49.06
C TYR C 253 -5.32 5.97 -50.49
N ASP C 254 -6.28 6.87 -50.67
CA ASP C 254 -6.82 7.17 -52.00
C ASP C 254 -5.63 7.54 -52.87
N ARG C 255 -4.94 8.62 -52.49
CA ARG C 255 -3.79 9.08 -53.24
C ARG C 255 -2.81 7.94 -53.47
N PHE C 256 -2.48 7.18 -52.43
CA PHE C 256 -1.52 6.09 -52.58
C PHE C 256 -1.75 5.12 -53.74
N ILE C 257 -3.00 4.72 -53.98
CA ILE C 257 -3.25 3.78 -55.08
C ILE C 257 -3.20 4.51 -56.40
N SER C 258 -4.01 5.57 -56.49
CA SER C 258 -4.09 6.36 -57.70
C SER C 258 -2.72 6.93 -58.10
N TYR C 259 -2.36 8.04 -57.47
CA TYR C 259 -1.11 8.75 -57.76
C TYR C 259 0.15 8.19 -57.06
N GLY C 260 0.15 6.90 -56.75
CA GLY C 260 1.30 6.29 -56.11
C GLY C 260 1.83 6.94 -54.83
N LEU C 261 2.95 6.42 -54.36
CA LEU C 261 3.62 6.87 -53.14
C LEU C 261 4.09 8.34 -53.05
N SER C 262 4.25 9.01 -54.17
CA SER C 262 4.72 10.40 -54.19
C SER C 262 3.75 11.41 -53.58
N ALA C 263 2.51 11.43 -54.05
CA ALA C 263 1.53 12.37 -53.51
C ALA C 263 0.92 11.75 -52.27
N SER C 264 1.43 10.58 -51.92
CA SER C 264 0.95 9.84 -50.76
C SER C 264 1.69 10.25 -49.47
N ARG C 265 3.01 10.07 -49.44
CA ARG C 265 3.84 10.40 -48.28
C ARG C 265 3.63 11.80 -47.70
N PRO C 266 3.68 12.83 -48.55
CA PRO C 266 3.49 14.22 -48.12
C PRO C 266 2.27 14.49 -47.25
N ILE C 267 1.24 13.66 -47.39
CA ILE C 267 0.02 13.82 -46.60
C ILE C 267 0.18 13.09 -45.28
N ALA C 268 0.83 11.93 -45.33
CA ALA C 268 1.04 11.12 -44.13
C ALA C 268 2.00 11.84 -43.19
N VAL C 269 2.96 12.56 -43.78
CA VAL C 269 3.93 13.31 -42.97
C VAL C 269 3.25 14.52 -42.40
N LEU C 270 2.42 15.15 -43.21
CA LEU C 270 1.73 16.33 -42.74
C LEU C 270 0.75 15.95 -41.65
N LEU C 271 0.18 14.74 -41.73
CA LEU C 271 -0.77 14.30 -40.71
C LEU C 271 -0.07 14.07 -39.36
N ILE C 272 1.03 13.31 -39.37
CA ILE C 272 1.74 13.05 -38.13
C ILE C 272 2.09 14.34 -37.43
N LEU C 273 2.80 15.22 -38.14
CA LEU C 273 3.17 16.42 -37.49
C LEU C 273 2.02 17.01 -36.69
N VAL C 274 0.79 16.76 -37.13
CA VAL C 274 -0.39 17.30 -36.43
C VAL C 274 -0.70 16.46 -35.21
N THR C 275 -0.47 15.16 -35.32
CA THR C 275 -0.67 14.28 -34.21
C THR C 275 0.37 14.60 -33.12
N LEU C 276 1.59 14.83 -33.51
CA LEU C 276 2.58 15.06 -32.46
C LEU C 276 2.35 16.44 -31.82
N SER C 277 1.90 17.39 -32.65
CA SER C 277 1.60 18.72 -32.20
C SER C 277 0.54 18.67 -31.09
N ILE C 278 -0.52 17.90 -31.33
CA ILE C 278 -1.61 17.75 -30.40
C ILE C 278 -1.13 16.94 -29.19
N PHE C 279 -0.79 15.68 -29.46
CA PHE C 279 -0.28 14.72 -28.46
C PHE C 279 0.77 15.29 -27.52
N LEU C 280 1.61 16.15 -28.07
CA LEU C 280 2.70 16.75 -27.34
C LEU C 280 2.30 18.10 -26.68
N VAL C 281 1.35 18.86 -27.27
CA VAL C 281 0.92 20.12 -26.63
C VAL C 281 0.17 19.78 -25.34
N ILE C 282 -0.02 18.47 -25.08
CA ILE C 282 -0.76 18.05 -23.88
C ILE C 282 -0.17 16.92 -22.98
N ARG C 283 0.37 15.82 -23.51
CA ARG C 283 0.93 14.75 -22.67
C ARG C 283 2.13 15.15 -21.80
N PRO D 36 -30.86 9.64 -8.27
CA PRO D 36 -30.47 11.01 -8.71
C PRO D 36 -29.38 10.93 -9.78
N LEU D 37 -28.14 11.24 -9.40
CA LEU D 37 -27.00 11.20 -10.32
C LEU D 37 -26.76 9.79 -10.81
N THR D 38 -26.84 8.84 -9.89
CA THR D 38 -26.62 7.45 -10.23
C THR D 38 -27.46 7.07 -11.43
N PHE D 39 -28.70 7.53 -11.45
CA PHE D 39 -29.59 7.19 -12.55
C PHE D 39 -29.07 7.67 -13.91
N VAL D 40 -29.01 8.98 -14.09
CA VAL D 40 -28.55 9.56 -15.35
C VAL D 40 -27.33 8.76 -15.85
N PHE D 41 -26.30 8.73 -15.02
CA PHE D 41 -25.06 8.02 -15.31
C PHE D 41 -25.32 6.61 -15.76
N SER D 42 -26.15 5.90 -15.02
CA SER D 42 -26.47 4.51 -15.37
C SER D 42 -27.19 4.40 -16.72
N PHE D 43 -27.97 5.41 -17.07
CA PHE D 43 -28.68 5.38 -18.34
C PHE D 43 -27.68 5.50 -19.48
N LEU D 44 -26.85 6.54 -19.39
CA LEU D 44 -25.82 6.79 -20.39
C LEU D 44 -24.97 5.55 -20.58
N LEU D 45 -24.65 4.89 -19.48
CA LEU D 45 -23.87 3.66 -19.54
C LEU D 45 -24.64 2.60 -20.32
N LEU D 46 -25.85 2.29 -19.86
CA LEU D 46 -26.64 1.29 -20.56
C LEU D 46 -26.54 1.59 -22.04
N VAL D 47 -26.56 2.87 -22.38
CA VAL D 47 -26.44 3.30 -23.77
C VAL D 47 -25.20 2.69 -24.36
N LEU D 48 -24.03 3.22 -23.99
CA LEU D 48 -22.78 2.69 -24.51
C LEU D 48 -22.84 1.18 -24.69
N PHE D 49 -23.23 0.47 -23.63
CA PHE D 49 -23.30 -0.96 -23.69
C PHE D 49 -24.04 -1.45 -24.91
N LEU D 50 -25.28 -0.98 -25.05
CA LEU D 50 -26.11 -1.35 -26.19
C LEU D 50 -25.40 -0.96 -27.48
N PHE D 51 -24.94 0.29 -27.53
CA PHE D 51 -24.25 0.85 -28.69
C PHE D 51 -23.24 -0.12 -29.31
N ILE D 52 -22.40 -0.66 -28.46
CA ILE D 52 -21.40 -1.61 -28.90
C ILE D 52 -22.03 -2.97 -29.11
N PHE D 53 -22.70 -3.45 -28.06
CA PHE D 53 -23.34 -4.76 -28.09
C PHE D 53 -24.32 -4.91 -29.24
N LEU D 54 -25.25 -3.98 -29.37
CA LEU D 54 -26.22 -4.07 -30.44
C LEU D 54 -25.55 -4.07 -31.82
N THR D 55 -24.59 -3.18 -32.02
CA THR D 55 -23.89 -3.11 -33.30
C THR D 55 -23.30 -4.45 -33.70
N LEU D 56 -22.41 -4.99 -32.88
CA LEU D 56 -21.81 -6.29 -33.23
C LEU D 56 -22.83 -7.41 -33.22
N SER D 57 -23.90 -7.26 -32.44
CA SER D 57 -24.93 -8.28 -32.38
C SER D 57 -25.68 -8.20 -33.69
N ASN D 58 -26.38 -7.08 -33.85
CA ASN D 58 -27.17 -6.80 -35.04
C ASN D 58 -26.51 -7.38 -36.28
N MET D 59 -25.27 -7.00 -36.51
CA MET D 59 -24.56 -7.48 -37.68
C MET D 59 -24.63 -9.00 -37.84
N ILE D 60 -24.57 -9.73 -36.73
CA ILE D 60 -24.64 -11.20 -36.81
C ILE D 60 -26.08 -11.61 -37.02
N PHE D 61 -26.98 -10.85 -36.38
CA PHE D 61 -28.41 -11.11 -36.48
C PHE D 61 -28.77 -11.20 -37.96
N GLU D 62 -28.51 -10.11 -38.68
CA GLU D 62 -28.78 -10.05 -40.12
C GLU D 62 -28.38 -11.36 -40.78
N GLN D 63 -27.09 -11.65 -40.77
CA GLN D 63 -26.55 -12.85 -41.39
C GLN D 63 -27.29 -14.13 -41.05
N ILE D 64 -27.44 -14.41 -39.77
CA ILE D 64 -28.13 -15.62 -39.34
C ILE D 64 -29.66 -15.46 -39.46
N THR D 65 -30.07 -14.43 -40.18
CA THR D 65 -31.47 -14.15 -40.39
C THR D 65 -31.81 -14.12 -41.90
N GLU D 66 -31.49 -12.95 -42.52
CA GLU D 66 -31.90 -12.90 -43.93
C GLU D 66 -31.16 -13.79 -44.94
N ASP D 67 -29.94 -14.24 -44.61
CA ASP D 67 -29.21 -15.12 -45.57
C ASP D 67 -28.27 -16.12 -44.85
N PHE D 68 -28.74 -16.82 -43.88
CA PHE D 68 -27.90 -17.78 -43.16
C PHE D 68 -26.96 -18.53 -44.12
N SER D 69 -27.50 -18.92 -45.27
CA SER D 69 -26.76 -19.65 -46.30
C SER D 69 -25.46 -18.97 -46.70
N GLY D 70 -25.51 -17.63 -46.80
CA GLY D 70 -24.33 -16.87 -47.18
C GLY D 70 -23.11 -17.34 -46.40
N LEU D 71 -23.30 -17.58 -45.11
CA LEU D 71 -22.22 -18.06 -44.26
C LEU D 71 -21.74 -19.40 -44.77
N VAL D 72 -22.69 -20.33 -44.91
CA VAL D 72 -22.40 -21.66 -45.40
C VAL D 72 -21.55 -21.59 -46.66
N LYS D 73 -21.79 -20.56 -47.49
CA LYS D 73 -21.04 -20.37 -48.72
C LYS D 73 -19.63 -19.89 -48.39
N ALA D 74 -19.56 -18.84 -47.59
CA ALA D 74 -18.28 -18.29 -47.18
C ALA D 74 -17.40 -19.40 -46.61
N ALA D 75 -17.98 -20.18 -45.70
CA ALA D 75 -17.28 -21.29 -45.04
C ALA D 75 -16.44 -22.15 -45.99
N GLY D 76 -16.94 -22.38 -47.20
CA GLY D 76 -16.20 -23.19 -48.15
C GLY D 76 -15.34 -22.37 -49.08
N ASN D 77 -15.79 -21.15 -49.34
CA ASN D 77 -15.10 -20.21 -50.22
C ASN D 77 -13.62 -20.11 -49.87
N ARG D 78 -12.74 -20.57 -50.76
CA ARG D 78 -11.30 -20.48 -50.50
C ARG D 78 -10.84 -19.06 -50.26
N SER D 79 -11.32 -18.13 -51.08
CA SER D 79 -10.95 -16.73 -50.93
C SER D 79 -11.04 -16.35 -49.45
N VAL D 80 -12.11 -16.80 -48.80
CA VAL D 80 -12.33 -16.52 -47.40
C VAL D 80 -11.40 -17.30 -46.49
N ILE D 81 -11.46 -18.62 -46.54
CA ILE D 81 -10.61 -19.42 -45.70
C ILE D 81 -9.15 -19.00 -45.84
N SER D 82 -8.70 -18.69 -47.05
CA SER D 82 -7.31 -18.29 -47.24
C SER D 82 -7.03 -16.95 -46.58
N SER D 83 -8.05 -16.09 -46.49
CA SER D 83 -7.88 -14.78 -45.89
C SER D 83 -7.85 -14.85 -44.38
N ILE D 84 -8.48 -15.88 -43.82
CA ILE D 84 -8.51 -16.03 -42.38
C ILE D 84 -7.22 -16.71 -41.94
N PHE D 85 -7.01 -17.93 -42.43
CA PHE D 85 -5.82 -18.70 -42.09
C PHE D 85 -4.61 -17.80 -42.27
N LEU D 86 -4.71 -16.85 -43.20
CA LEU D 86 -3.61 -15.94 -43.43
C LEU D 86 -3.47 -15.04 -42.22
N SER D 87 -4.57 -14.39 -41.83
CA SER D 87 -4.57 -13.50 -40.68
C SER D 87 -4.02 -14.20 -39.45
N LEU D 88 -4.63 -15.33 -39.08
CA LEU D 88 -4.16 -16.05 -37.91
C LEU D 88 -2.67 -16.35 -38.08
N TYR D 89 -2.28 -16.71 -39.29
CA TYR D 89 -0.89 -17.03 -39.55
C TYR D 89 0.04 -15.83 -39.38
N ALA D 90 -0.14 -14.82 -40.23
CA ALA D 90 0.68 -13.62 -40.17
C ALA D 90 0.76 -13.21 -38.72
N GLY D 91 -0.41 -13.18 -38.07
CA GLY D 91 -0.49 -12.81 -36.66
C GLY D 91 0.37 -13.66 -35.75
N PHE D 92 0.14 -14.97 -35.73
CA PHE D 92 0.93 -15.84 -34.86
C PHE D 92 2.40 -15.46 -34.98
N LEU D 93 2.84 -15.13 -36.18
CA LEU D 93 4.23 -14.74 -36.42
C LEU D 93 4.59 -13.43 -35.76
N ALA D 94 3.89 -12.36 -36.12
CA ALA D 94 4.15 -11.05 -35.55
C ALA D 94 4.21 -11.16 -34.03
N THR D 95 3.44 -12.08 -33.47
CA THR D 95 3.43 -12.26 -32.03
C THR D 95 4.75 -12.85 -31.57
N LEU D 96 5.25 -13.86 -32.28
CA LEU D 96 6.51 -14.46 -31.88
C LEU D 96 7.62 -13.42 -31.94
N LEU D 97 7.43 -12.37 -32.73
CA LEU D 97 8.45 -11.31 -32.79
C LEU D 97 8.20 -10.43 -31.59
N ALA D 98 6.93 -10.08 -31.38
CA ALA D 98 6.57 -9.26 -30.25
C ALA D 98 7.12 -9.96 -28.98
N LEU D 99 6.83 -11.24 -28.82
CA LEU D 99 7.31 -11.99 -27.67
C LEU D 99 8.83 -11.80 -27.54
N LEU D 100 9.51 -12.01 -28.65
CA LEU D 100 10.95 -11.91 -28.74
C LEU D 100 11.52 -10.51 -28.54
N LEU D 101 10.67 -9.49 -28.57
CA LEU D 101 11.16 -8.13 -28.38
C LEU D 101 10.45 -7.39 -27.26
N GLY D 102 9.13 -7.50 -27.22
CA GLY D 102 8.37 -6.84 -26.19
C GLY D 102 8.73 -7.37 -24.82
N ALA D 103 8.85 -8.70 -24.71
CA ALA D 103 9.17 -9.34 -23.44
C ALA D 103 10.38 -8.69 -22.79
N PRO D 104 11.55 -8.78 -23.42
CA PRO D 104 12.74 -8.17 -22.81
C PRO D 104 12.61 -6.65 -22.62
N THR D 105 11.89 -5.97 -23.50
CA THR D 105 11.69 -4.53 -23.37
C THR D 105 10.91 -4.28 -22.08
N GLY D 106 10.15 -5.28 -21.66
CA GLY D 106 9.38 -5.16 -20.44
C GLY D 106 10.30 -5.39 -19.27
N TYR D 107 11.04 -6.50 -19.30
CA TYR D 107 11.97 -6.81 -18.22
C TYR D 107 12.91 -5.66 -18.00
N ILE D 108 13.34 -5.05 -19.10
CA ILE D 108 14.22 -3.93 -18.97
C ILE D 108 13.45 -2.83 -18.29
N LEU D 109 12.43 -2.29 -18.97
CA LEU D 109 11.62 -1.21 -18.43
C LEU D 109 11.09 -1.36 -17.00
N ALA D 110 10.99 -2.59 -16.51
CA ALA D 110 10.47 -2.82 -15.16
C ALA D 110 11.54 -2.97 -14.07
N ARG D 111 12.80 -2.91 -14.45
CA ARG D 111 13.86 -3.05 -13.47
C ARG D 111 14.83 -1.89 -13.50
N PHE D 112 15.04 -1.32 -14.67
CA PHE D 112 16.00 -0.23 -14.78
C PHE D 112 15.46 1.17 -14.96
N ASP D 113 16.36 2.13 -14.77
CA ASP D 113 16.05 3.55 -14.89
C ASP D 113 17.24 4.26 -15.53
N PHE D 114 17.13 4.58 -16.82
CA PHE D 114 18.19 5.25 -17.53
C PHE D 114 17.75 6.67 -17.90
N PRO D 115 18.54 7.41 -18.70
CA PRO D 115 18.15 8.78 -19.09
C PRO D 115 16.97 8.92 -20.04
N GLY D 116 16.92 8.04 -21.03
CA GLY D 116 15.84 8.09 -22.01
C GLY D 116 14.66 7.19 -21.73
N LYS D 117 14.45 6.81 -20.47
CA LYS D 117 13.31 5.95 -20.16
C LYS D 117 12.04 6.61 -20.66
N ARG D 118 11.92 7.92 -20.46
CA ARG D 118 10.73 8.63 -20.91
C ARG D 118 10.52 8.45 -22.41
N LEU D 119 11.52 8.83 -23.21
CA LEU D 119 11.45 8.70 -24.66
C LEU D 119 11.18 7.25 -25.07
N VAL D 120 12.14 6.36 -24.83
CA VAL D 120 12.00 4.94 -25.17
C VAL D 120 10.63 4.41 -24.77
N GLU D 121 10.12 4.94 -23.67
CA GLU D 121 8.83 4.52 -23.13
C GLU D 121 7.67 5.04 -23.95
N SER D 122 7.86 6.18 -24.60
CA SER D 122 6.82 6.78 -25.41
C SER D 122 6.79 6.20 -26.83
N ILE D 123 7.96 6.02 -27.42
CA ILE D 123 8.01 5.46 -28.76
C ILE D 123 7.24 4.14 -28.76
N ILE D 124 7.45 3.34 -27.73
CA ILE D 124 6.76 2.06 -27.59
C ILE D 124 5.25 2.26 -27.50
N ASP D 125 4.84 3.33 -26.84
CA ASP D 125 3.43 3.67 -26.64
C ASP D 125 2.78 4.17 -27.96
N VAL D 126 3.47 5.07 -28.66
CA VAL D 126 2.98 5.70 -29.89
C VAL D 126 2.14 4.92 -30.91
N PRO D 127 2.69 3.83 -31.47
CA PRO D 127 1.98 3.02 -32.46
C PRO D 127 0.46 2.80 -32.36
N VAL D 128 -0.17 3.37 -31.34
CA VAL D 128 -1.61 3.21 -31.22
C VAL D 128 -2.28 4.53 -31.53
N VAL D 129 -1.49 5.49 -32.01
CA VAL D 129 -2.04 6.79 -32.36
C VAL D 129 -1.59 7.22 -33.75
N VAL D 130 -0.72 6.41 -34.32
CA VAL D 130 -0.22 6.66 -35.66
C VAL D 130 -1.33 6.16 -36.55
N PRO D 131 -2.13 7.09 -37.11
CA PRO D 131 -3.22 6.68 -37.99
C PRO D 131 -2.83 5.49 -38.86
N HIS D 132 -3.69 4.48 -38.90
CA HIS D 132 -3.44 3.24 -39.64
C HIS D 132 -2.73 3.44 -40.98
N THR D 133 -3.34 4.26 -41.83
CA THR D 133 -2.81 4.57 -43.15
C THR D 133 -1.35 4.99 -43.03
N VAL D 134 -1.14 6.08 -42.31
CA VAL D 134 0.17 6.66 -42.05
C VAL D 134 1.22 5.60 -41.78
N ALA D 135 0.89 4.70 -40.88
CA ALA D 135 1.76 3.60 -40.49
C ALA D 135 2.12 2.75 -41.71
N GLY D 136 1.16 2.60 -42.61
CA GLY D 136 1.40 1.82 -43.81
C GLY D 136 2.42 2.55 -44.64
N ILE D 137 2.09 3.79 -44.98
CA ILE D 137 3.00 4.61 -45.78
C ILE D 137 4.37 4.53 -45.14
N ALA D 138 4.49 5.05 -43.93
CA ALA D 138 5.75 5.03 -43.20
C ALA D 138 6.45 3.67 -43.34
N LEU D 139 5.76 2.59 -42.99
CA LEU D 139 6.34 1.25 -43.10
C LEU D 139 6.89 0.97 -44.50
N LEU D 140 6.11 1.33 -45.51
CA LEU D 140 6.49 1.14 -46.92
C LEU D 140 7.85 1.80 -47.17
N THR D 141 8.00 3.01 -46.67
CA THR D 141 9.21 3.80 -46.79
C THR D 141 10.44 3.03 -46.33
N VAL D 142 10.25 1.95 -45.61
CA VAL D 142 11.39 1.21 -45.11
C VAL D 142 11.50 -0.19 -45.64
N PHE D 143 10.37 -0.88 -45.72
CA PHE D 143 10.40 -2.24 -46.21
C PHE D 143 9.95 -2.31 -47.65
N GLY D 144 9.65 -1.15 -48.23
CA GLY D 144 9.23 -1.09 -49.61
C GLY D 144 10.45 -1.33 -50.49
N SER D 145 10.22 -1.88 -51.67
CA SER D 145 11.29 -2.17 -52.61
C SER D 145 12.28 -1.01 -52.80
N ARG D 146 11.86 0.19 -52.46
CA ARG D 146 12.68 1.38 -52.60
C ARG D 146 12.98 2.07 -51.25
N GLY D 147 12.86 1.30 -50.16
CA GLY D 147 13.10 1.88 -48.84
C GLY D 147 14.38 1.46 -48.14
N LEU D 148 14.65 2.10 -47.02
CA LEU D 148 15.83 1.83 -46.21
C LEU D 148 16.28 0.39 -46.17
N ILE D 149 15.44 -0.47 -45.58
CA ILE D 149 15.77 -1.88 -45.44
C ILE D 149 15.31 -2.77 -46.60
N GLY D 150 14.26 -2.33 -47.29
CA GLY D 150 13.73 -3.11 -48.39
C GLY D 150 14.58 -3.10 -49.64
N GLU D 151 15.19 -1.94 -49.91
CA GLU D 151 16.04 -1.78 -51.09
C GLU D 151 17.25 -2.71 -51.03
N PRO D 152 18.10 -2.56 -49.98
CA PRO D 152 19.29 -3.41 -49.86
C PRO D 152 19.04 -4.89 -49.60
N LEU D 153 17.78 -5.31 -49.53
CA LEU D 153 17.49 -6.71 -49.26
C LEU D 153 16.58 -7.36 -50.31
N GLU D 154 16.77 -6.98 -51.57
CA GLU D 154 15.97 -7.51 -52.67
C GLU D 154 16.25 -8.99 -52.96
N SER D 155 17.50 -9.37 -52.78
CA SER D 155 17.94 -10.74 -53.03
C SER D 155 17.49 -11.76 -51.97
N TYR D 156 17.57 -11.38 -50.70
CA TYR D 156 17.17 -12.32 -49.66
C TYR D 156 15.64 -12.44 -49.50
N ILE D 157 14.98 -11.34 -49.13
CA ILE D 157 13.53 -11.34 -48.94
C ILE D 157 12.80 -10.14 -49.53
N GLN D 158 11.59 -10.37 -50.05
CA GLN D 158 10.78 -9.29 -50.62
C GLN D 158 9.70 -9.00 -49.58
N PHE D 159 9.31 -7.74 -49.45
CA PHE D 159 8.31 -7.37 -48.44
C PHE D 159 6.95 -7.00 -48.99
N ARG D 160 6.91 -6.02 -49.89
CA ARG D 160 5.69 -5.53 -50.51
C ARG D 160 4.86 -6.61 -51.17
N ASP D 161 3.57 -6.59 -50.87
CA ASP D 161 2.57 -7.56 -51.40
C ASP D 161 2.92 -9.01 -51.06
N ALA D 162 3.77 -9.17 -50.07
CA ALA D 162 4.16 -10.51 -49.65
C ALA D 162 3.82 -10.75 -48.18
N LEU D 163 4.02 -11.99 -47.72
CA LEU D 163 3.74 -12.33 -46.33
C LEU D 163 4.52 -11.48 -45.33
N PRO D 164 5.86 -11.51 -45.41
CA PRO D 164 6.72 -10.74 -44.50
C PRO D 164 6.33 -9.25 -44.46
N GLY D 165 5.64 -8.80 -45.50
CA GLY D 165 5.22 -7.42 -45.55
C GLY D 165 4.09 -7.20 -44.56
N ILE D 166 3.12 -8.13 -44.56
CA ILE D 166 1.98 -8.05 -43.65
C ILE D 166 2.44 -8.34 -42.23
N VAL D 167 3.40 -9.25 -42.09
CA VAL D 167 3.93 -9.59 -40.78
C VAL D 167 4.49 -8.32 -40.12
N VAL D 168 5.43 -7.68 -40.79
CA VAL D 168 6.03 -6.45 -40.29
C VAL D 168 4.99 -5.39 -39.96
N ALA D 169 3.97 -5.28 -40.81
CA ALA D 169 2.89 -4.33 -40.61
C ALA D 169 2.24 -4.61 -39.27
N MET D 170 1.72 -5.82 -39.12
CA MET D 170 1.08 -6.22 -37.87
C MET D 170 1.93 -5.90 -36.65
N LEU D 171 3.15 -6.42 -36.64
CA LEU D 171 4.07 -6.17 -35.53
C LEU D 171 4.07 -4.71 -35.12
N PHE D 172 4.32 -3.81 -36.05
CA PHE D 172 4.37 -2.39 -35.75
C PHE D 172 3.12 -1.88 -35.03
N VAL D 173 2.01 -2.55 -35.23
CA VAL D 173 0.76 -2.11 -34.62
C VAL D 173 0.32 -2.86 -33.37
N SER D 174 0.76 -4.10 -33.23
CA SER D 174 0.37 -4.91 -32.09
C SER D 174 1.45 -5.11 -31.02
N MET D 175 2.71 -4.89 -31.40
CA MET D 175 3.83 -5.05 -30.48
C MET D 175 3.65 -4.36 -29.14
N PRO D 176 3.23 -3.07 -29.14
CA PRO D 176 3.06 -2.40 -27.86
C PRO D 176 2.30 -3.23 -26.83
N TYR D 177 1.24 -3.89 -27.23
CA TYR D 177 0.47 -4.69 -26.28
C TYR D 177 1.30 -5.74 -25.55
N LEU D 178 2.03 -6.59 -26.27
CA LEU D 178 2.81 -7.59 -25.57
C LEU D 178 3.92 -6.94 -24.77
N ALA D 179 4.30 -5.70 -25.08
CA ALA D 179 5.34 -5.04 -24.31
C ALA D 179 4.74 -4.61 -22.97
N ASN D 180 3.93 -3.56 -23.00
CA ASN D 180 3.30 -3.07 -21.78
C ASN D 180 2.79 -4.22 -20.91
N SER D 181 2.27 -5.27 -21.54
CA SER D 181 1.76 -6.38 -20.76
C SER D 181 2.88 -7.22 -20.13
N ALA D 182 4.01 -7.34 -20.81
CA ALA D 182 5.13 -8.10 -20.26
C ALA D 182 5.90 -7.27 -19.27
N ARG D 183 5.66 -5.96 -19.28
CA ARG D 183 6.34 -5.10 -18.34
C ARG D 183 5.64 -5.34 -17.03
N GLU D 184 4.35 -5.01 -17.00
CA GLU D 184 3.57 -5.21 -15.79
C GLU D 184 3.72 -6.64 -15.29
N GLY D 185 4.01 -7.57 -16.19
CA GLY D 185 4.20 -8.94 -15.74
C GLY D 185 5.41 -9.02 -14.84
N PHE D 186 6.55 -8.61 -15.39
CA PHE D 186 7.82 -8.60 -14.67
C PHE D 186 7.79 -7.68 -13.46
N LYS D 187 7.11 -6.56 -13.60
CA LYS D 187 6.98 -5.61 -12.51
C LYS D 187 6.34 -6.33 -11.33
N SER D 188 5.37 -7.19 -11.65
CA SER D 188 4.63 -7.99 -10.68
C SER D 188 5.53 -8.80 -9.79
N VAL D 189 6.46 -9.53 -10.40
CA VAL D 189 7.42 -10.34 -9.66
C VAL D 189 8.41 -9.35 -9.08
N ASP D 190 8.48 -9.26 -7.76
CA ASP D 190 9.37 -8.31 -7.13
C ASP D 190 10.81 -8.79 -7.17
N PRO D 191 11.76 -7.85 -7.18
CA PRO D 191 13.21 -8.06 -7.23
C PRO D 191 13.75 -9.13 -6.29
N ARG D 192 13.53 -8.95 -5.00
CA ARG D 192 14.03 -9.88 -3.99
C ARG D 192 14.09 -11.33 -4.41
N LEU D 193 13.05 -11.82 -5.08
CA LEU D 193 13.06 -13.20 -5.52
C LEU D 193 14.25 -13.45 -6.47
N GLU D 194 14.54 -12.49 -7.33
CA GLU D 194 15.66 -12.64 -8.24
C GLU D 194 16.93 -12.61 -7.42
N ASN D 195 17.01 -11.65 -6.49
CA ASN D 195 18.18 -11.54 -5.63
C ASN D 195 18.34 -12.78 -4.78
N ALA D 196 17.22 -13.33 -4.32
CA ALA D 196 17.25 -14.52 -3.48
C ALA D 196 17.86 -15.68 -4.26
N ALA D 197 17.42 -15.85 -5.50
CA ALA D 197 17.92 -16.93 -6.34
C ALA D 197 19.40 -16.70 -6.61
N ARG D 198 19.77 -15.45 -6.91
CA ARG D 198 21.15 -15.08 -7.18
C ARG D 198 22.10 -15.57 -6.07
N SER D 199 21.83 -15.15 -4.83
CA SER D 199 22.65 -15.54 -3.69
C SER D 199 22.65 -17.03 -3.41
N LEU D 200 21.68 -17.75 -3.97
CA LEU D 200 21.63 -19.19 -3.76
C LEU D 200 22.52 -19.85 -4.80
N GLY D 201 23.10 -19.02 -5.67
CA GLY D 201 24.01 -19.50 -6.71
C GLY D 201 23.50 -19.51 -8.14
N ALA D 202 22.47 -18.72 -8.43
CA ALA D 202 21.92 -18.70 -9.79
C ALA D 202 22.24 -17.43 -10.57
N PRO D 203 22.83 -17.58 -11.77
CA PRO D 203 23.19 -16.48 -12.67
C PRO D 203 21.92 -15.76 -13.07
N LEU D 204 22.03 -14.51 -13.49
CA LEU D 204 20.84 -13.75 -13.84
C LEU D 204 19.84 -14.48 -14.74
N TRP D 205 20.31 -15.05 -15.85
CA TRP D 205 19.37 -15.73 -16.72
C TRP D 205 18.73 -16.95 -16.05
N LYS D 206 19.51 -17.72 -15.29
CA LYS D 206 18.92 -18.89 -14.62
C LYS D 206 17.82 -18.37 -13.71
N ALA D 207 18.07 -17.20 -13.13
CA ALA D 207 17.12 -16.54 -12.23
C ALA D 207 15.87 -16.19 -13.00
N PHE D 208 16.09 -15.44 -14.07
CA PHE D 208 15.03 -15.01 -14.96
C PHE D 208 14.28 -16.21 -15.52
N PHE D 209 15.01 -17.24 -15.92
CA PHE D 209 14.37 -18.43 -16.48
C PHE D 209 13.60 -19.26 -15.47
N PHE D 210 14.23 -19.66 -14.38
CA PHE D 210 13.53 -20.49 -13.41
C PHE D 210 12.56 -19.78 -12.48
N VAL D 211 12.75 -18.49 -12.29
CA VAL D 211 11.86 -17.77 -11.40
C VAL D 211 11.05 -16.68 -12.08
N THR D 212 11.69 -15.54 -12.31
CA THR D 212 11.03 -14.40 -12.93
C THR D 212 10.03 -14.83 -13.99
N LEU D 213 10.52 -15.44 -15.07
CA LEU D 213 9.67 -15.88 -16.16
C LEU D 213 8.42 -16.66 -15.71
N PRO D 214 8.58 -17.93 -15.28
CA PRO D 214 7.43 -18.75 -14.84
C PRO D 214 6.39 -18.00 -14.00
N LEU D 215 6.83 -17.05 -13.21
CA LEU D 215 5.94 -16.28 -12.35
C LEU D 215 5.20 -15.19 -13.09
N SER D 216 5.80 -14.70 -14.18
CA SER D 216 5.17 -13.64 -14.96
C SER D 216 4.37 -14.21 -16.12
N ALA D 217 4.43 -15.54 -16.27
CA ALA D 217 3.72 -16.22 -17.35
C ALA D 217 2.31 -15.67 -17.58
N ARG D 218 1.43 -15.81 -16.60
CA ARG D 218 0.06 -15.34 -16.74
C ARG D 218 -0.01 -14.00 -17.45
N TYR D 219 0.96 -13.12 -17.23
CA TYR D 219 0.92 -11.84 -17.92
C TYR D 219 1.37 -11.95 -19.38
N LEU D 220 2.46 -12.67 -19.62
CA LEU D 220 2.98 -12.85 -20.96
C LEU D 220 1.95 -13.53 -21.85
N LEU D 221 1.29 -14.54 -21.30
CA LEU D 221 0.28 -15.25 -22.07
C LEU D 221 -0.83 -14.33 -22.55
N ILE D 222 -1.39 -13.55 -21.64
CA ILE D 222 -2.45 -12.64 -22.00
C ILE D 222 -1.95 -11.65 -23.04
N GLY D 223 -0.83 -10.99 -22.75
CA GLY D 223 -0.27 -10.03 -23.67
C GLY D 223 -0.01 -10.55 -25.07
N SER D 224 0.46 -11.79 -25.18
CA SER D 224 0.73 -12.36 -26.47
C SER D 224 -0.58 -12.43 -27.23
N VAL D 225 -1.57 -13.04 -26.59
CA VAL D 225 -2.90 -13.18 -27.21
C VAL D 225 -3.56 -11.83 -27.52
N MET D 226 -3.38 -10.84 -26.64
CA MET D 226 -3.94 -9.52 -26.90
C MET D 226 -3.24 -9.04 -28.18
N THR D 227 -1.93 -9.28 -28.28
CA THR D 227 -1.17 -8.88 -29.46
C THR D 227 -1.76 -9.53 -30.70
N TRP D 228 -1.74 -10.86 -30.69
CA TRP D 228 -2.26 -11.65 -31.78
C TRP D 228 -3.58 -11.08 -32.31
N ALA D 229 -4.40 -10.59 -31.40
CA ALA D 229 -5.69 -10.06 -31.81
C ALA D 229 -5.63 -8.63 -32.32
N ARG D 230 -4.61 -7.87 -31.94
CA ARG D 230 -4.53 -6.51 -32.44
C ARG D 230 -3.96 -6.61 -33.83
N ALA D 231 -3.29 -7.73 -34.07
CA ALA D 231 -2.68 -7.99 -35.36
C ALA D 231 -3.76 -8.44 -36.35
N ILE D 232 -4.38 -9.56 -36.03
CA ILE D 232 -5.42 -10.12 -36.85
C ILE D 232 -6.36 -9.07 -37.37
N SER D 233 -6.66 -8.09 -36.53
CA SER D 233 -7.60 -7.05 -36.89
C SER D 233 -7.03 -5.80 -37.56
N GLU D 234 -5.76 -5.82 -37.94
CA GLU D 234 -5.18 -4.63 -38.56
C GLU D 234 -5.43 -4.54 -40.05
N PHE D 235 -5.94 -3.39 -40.48
CA PHE D 235 -6.28 -3.13 -41.87
C PHE D 235 -5.40 -2.05 -42.50
N GLY D 236 -5.85 -0.81 -42.41
CA GLY D 236 -5.10 0.30 -42.98
C GLY D 236 -3.59 0.11 -43.02
N ALA D 237 -2.98 -0.13 -41.87
CA ALA D 237 -1.54 -0.33 -41.82
C ALA D 237 -1.04 -1.34 -42.83
N VAL D 238 -1.69 -2.49 -42.92
CA VAL D 238 -1.25 -3.53 -43.84
C VAL D 238 -1.57 -3.25 -45.30
N VAL D 239 -2.80 -2.86 -45.58
CA VAL D 239 -3.18 -2.57 -46.95
C VAL D 239 -2.08 -1.85 -47.74
N ILE D 240 -1.65 -0.68 -47.28
CA ILE D 240 -0.62 0.08 -47.98
C ILE D 240 0.65 -0.71 -48.30
N LEU D 241 1.17 -1.45 -47.34
CA LEU D 241 2.37 -2.19 -47.64
C LEU D 241 2.09 -3.45 -48.47
N ALA D 242 1.17 -4.29 -48.02
CA ALA D 242 0.89 -5.52 -48.76
C ALA D 242 -0.59 -5.87 -48.85
N TYR D 243 -1.32 -5.01 -49.52
CA TYR D 243 -2.75 -5.21 -49.71
C TYR D 243 -3.07 -6.58 -50.26
N TYR D 244 -2.22 -7.12 -51.12
CA TYR D 244 -2.64 -8.36 -51.73
C TYR D 244 -2.62 -9.76 -51.20
N PRO D 245 -1.73 -10.13 -50.29
CA PRO D 245 -2.15 -11.51 -50.10
C PRO D 245 -3.51 -11.58 -49.39
N MET D 246 -4.26 -10.48 -49.53
CA MET D 246 -5.61 -10.31 -49.00
C MET D 246 -5.79 -10.89 -47.59
N VAL D 247 -5.62 -10.04 -46.59
CA VAL D 247 -5.78 -10.44 -45.21
C VAL D 247 -7.24 -10.30 -44.82
N GLY D 248 -7.78 -11.27 -44.09
CA GLY D 248 -9.16 -11.22 -43.67
C GLY D 248 -9.83 -9.85 -43.75
N PRO D 249 -9.47 -8.91 -42.88
CA PRO D 249 -10.06 -7.57 -42.88
C PRO D 249 -10.04 -6.82 -44.20
N THR D 250 -8.99 -7.00 -45.01
CA THR D 250 -8.94 -6.33 -46.31
C THR D 250 -9.99 -6.94 -47.19
N LEU D 251 -9.99 -8.27 -47.28
CA LEU D 251 -10.94 -9.00 -48.09
C LEU D 251 -12.33 -8.44 -47.94
N ILE D 252 -12.78 -8.35 -46.70
CA ILE D 252 -14.10 -7.83 -46.40
C ILE D 252 -14.34 -6.47 -47.07
N TYR D 253 -13.28 -5.66 -47.16
CA TYR D 253 -13.39 -4.34 -47.78
C TYR D 253 -13.48 -4.48 -49.30
N ASP D 254 -12.64 -5.36 -49.85
CA ASP D 254 -12.62 -5.61 -51.28
C ASP D 254 -14.05 -5.95 -51.69
N ARG D 255 -14.56 -7.05 -51.14
CA ARG D 255 -15.91 -7.48 -51.43
C ARG D 255 -16.89 -6.35 -51.25
N PHE D 256 -16.82 -5.64 -50.14
CA PHE D 256 -17.76 -4.55 -49.89
C PHE D 256 -17.96 -3.53 -51.02
N ILE D 257 -16.88 -3.11 -51.67
CA ILE D 257 -17.03 -2.13 -52.73
C ILE D 257 -17.55 -2.80 -54.00
N SER D 258 -16.84 -3.85 -54.41
CA SER D 258 -17.21 -4.58 -55.60
C SER D 258 -18.62 -5.15 -55.50
N TYR D 259 -18.74 -6.30 -54.83
CA TYR D 259 -20.02 -7.00 -54.67
C TYR D 259 -20.94 -6.48 -53.55
N GLY D 260 -20.83 -5.20 -53.21
CA GLY D 260 -21.67 -4.64 -52.17
C GLY D 260 -21.71 -5.34 -50.82
N LEU D 261 -22.59 -4.85 -49.96
CA LEU D 261 -22.76 -5.35 -48.60
C LEU D 261 -23.19 -6.83 -48.40
N SER D 262 -23.75 -7.45 -49.43
CA SER D 262 -24.19 -8.84 -49.32
C SER D 262 -23.08 -9.87 -49.14
N ALA D 263 -22.09 -9.87 -50.03
CA ALA D 263 -20.98 -10.82 -49.92
C ALA D 263 -19.96 -10.24 -48.97
N SER D 264 -20.30 -9.09 -48.40
CA SER D 264 -19.44 -8.39 -47.46
C SER D 264 -19.68 -8.86 -46.01
N ARG D 265 -20.90 -8.70 -45.51
CA ARG D 265 -21.25 -9.08 -44.14
C ARG D 265 -20.85 -10.50 -43.74
N PRO D 266 -21.22 -11.51 -44.55
CA PRO D 266 -20.90 -12.91 -44.27
C PRO D 266 -19.44 -13.20 -43.92
N ILE D 267 -18.53 -12.36 -44.39
CA ILE D 267 -17.11 -12.54 -44.09
C ILE D 267 -16.77 -11.85 -42.76
N ALA D 268 -17.40 -10.70 -42.52
CA ALA D 268 -17.16 -9.95 -41.29
C ALA D 268 -17.73 -10.73 -40.11
N VAL D 269 -18.84 -11.42 -40.34
CA VAL D 269 -19.46 -12.21 -39.28
C VAL D 269 -18.63 -13.45 -39.03
N LEU D 270 -18.15 -14.03 -40.11
CA LEU D 270 -17.34 -15.23 -39.97
C LEU D 270 -16.02 -14.87 -39.28
N LEU D 271 -15.51 -13.67 -39.52
CA LEU D 271 -14.26 -13.27 -38.89
C LEU D 271 -14.43 -13.09 -37.38
N ILE D 272 -15.45 -12.34 -36.96
CA ILE D 272 -15.67 -12.13 -35.53
C ILE D 272 -15.77 -13.42 -34.77
N LEU D 273 -16.67 -14.29 -35.19
CA LEU D 273 -16.79 -15.54 -34.50
C LEU D 273 -15.44 -16.20 -34.23
N VAL D 274 -14.45 -15.90 -35.06
CA VAL D 274 -13.10 -16.43 -34.89
C VAL D 274 -12.38 -15.64 -33.83
N THR D 275 -12.62 -14.33 -33.80
CA THR D 275 -11.99 -13.49 -32.79
C THR D 275 -12.54 -13.89 -31.43
N LEU D 276 -13.86 -14.02 -31.33
CA LEU D 276 -14.46 -14.37 -30.08
C LEU D 276 -14.10 -15.78 -29.67
N SER D 277 -13.81 -16.67 -30.63
CA SER D 277 -13.43 -18.02 -30.28
C SER D 277 -12.05 -18.07 -29.72
N ILE D 278 -11.18 -17.20 -30.20
CA ILE D 278 -9.80 -17.12 -29.73
C ILE D 278 -9.77 -16.34 -28.41
N PHE D 279 -10.26 -15.09 -28.46
CA PHE D 279 -10.34 -14.18 -27.32
C PHE D 279 -10.90 -14.89 -26.09
N LEU D 280 -12.00 -15.59 -26.33
CA LEU D 280 -12.72 -16.29 -25.28
C LEU D 280 -12.12 -17.66 -24.88
N VAL D 281 -11.46 -18.39 -25.79
CA VAL D 281 -10.84 -19.67 -25.41
C VAL D 281 -9.66 -19.37 -24.44
N ILE D 282 -9.39 -18.08 -24.21
CA ILE D 282 -8.26 -17.70 -23.35
C ILE D 282 -8.49 -16.62 -22.24
N ARG D 283 -9.17 -15.49 -22.51
CA ARG D 283 -9.39 -14.47 -21.46
C ARG D 283 -10.21 -14.91 -20.25
W WO4 E . 10.33 8.22 44.43
O1 WO4 E . 10.08 9.59 45.39
O2 WO4 E . 11.76 7.44 44.92
O3 WO4 E . 9.01 7.16 44.60
O4 WO4 E . 10.48 8.69 42.82
W WO4 F . 7.04 -8.49 45.10
O1 WO4 F . 6.61 -6.92 45.63
O2 WO4 F . 8.70 -8.74 45.38
O3 WO4 F . 6.15 -9.64 45.96
O4 WO4 F . 6.75 -8.63 43.42
#